data_3BT2
#
_entry.id   3BT2
#
_cell.length_a   52.096
_cell.length_b   87.205
_cell.length_c   124.274
_cell.angle_alpha   90.00
_cell.angle_beta   94.31
_cell.angle_gamma   90.00
#
_symmetry.space_group_name_H-M   'P 1 21 1'
#
loop_
_entity.id
_entity.type
_entity.pdbx_description
1 polymer 'Urokinase-type plasminogen activator'
2 polymer Vitronectin
3 polymer 'anti-uPAR antibody, light chain'
4 polymer 'anti-uPAR antibody, heavy chain'
5 polymer 'Urokinase plasminogen activator surface receptor'
6 branched 2-acetamido-2-deoxy-beta-D-glucopyranose-(1-4)-2-acetamido-2-deoxy-beta-D-glucopyranose
7 non-polymer 2-acetamido-2-deoxy-beta-D-glucopyranose
8 water water
#
loop_
_entity_poly.entity_id
_entity_poly.type
_entity_poly.pdbx_seq_one_letter_code
_entity_poly.pdbx_strand_id
1 'polypeptide(L)'
;RSSNELHQVPSNCDCLNGGTCVSNKYFSNIHWCNCPKKFGGQHCEIDKSKTCYEGNGHFYRGKASTDTMGRPCLPWNSAT
VLQQTYHAHRSDALQLGLGKHNYCRNPDNRRRPWCYVQVGLKPLVQECMVHDCAD
;
A
2 'polypeptide(L)' QESCKGRCTEGFNVDKKCQCDELCSYYQSCCTDYTAECKP B
3 'polypeptide(L)'
;DIVLTQSPDITAASLGQKVTITCSASSSVSYMHWYQQKSGTSPKPWIFEISKLASGVPARFSGSGSGTSYSLTISSMEAE
DAAIYYCQQWNYPFTFGGGTKLEIKRADAAPTVSIFPPSSEQLTSGGASVVCFLNNFYPKDINVKWKIDGSERQNGVLNS
WTDQDSKDSTYSMSSTLTLTKDEYERHNSYTCEATHKTSTSPIVKSFNRNEC
;
L
4 'polypeptide(L)'
;GVKLQQSGPEVVKPGASVKISCKASGYSFTNFYIHWVKQRPGQGLEWIGWIFHGSDNTEYNEKFKDKATLTADTSSSTAY
MQLSSLTSEDSAVYFCARWGPHWYFDVWGQGTTVTVSSAKTTPPSVYPLAPGNSMVTLGCLVKGYFPEPVTVTWNSGSLS
SGVHTFPAVLQSDLYTLSSSVTVPSSTWPSETVTCNVAHPASSTKVDKKIAAAG
;
H
5 'polypeptide(L)'
;RSLRCMQCKTNGDCRVEECALGQDLCRTTIVRLWEEGEELELVEKSCTHSEKTNRTLSYRTGLKITSLTEVVCGLDLCNQ
GNSGRAVTYSRSRYLECISCGSSDMSCERGRHQSLQCRSPEEQCLDVVTHWIQEGEEGRPKDDRHLRGCGYLPGCPGSNG
FHNNDTFHFLKCCNTTKCNEGPILELENLPQNGRQCYSCKGNSTHGCSSEETFLIDCRGPMNQCLVATGTHEPKNQSYMV
RGCATASMCQHAHLGDAFSMNHIDVSCCTKSGCNHPDLDVQYR
;
U
#
# COMPACT_ATOMS: atom_id res chain seq x y z
N SER A 11 36.22 9.31 6.13
CA SER A 11 37.14 10.21 6.89
C SER A 11 37.28 11.62 6.29
N ASN A 12 36.57 11.91 5.21
CA ASN A 12 36.64 13.24 4.59
C ASN A 12 35.93 14.27 5.50
N CYS A 13 34.95 15.00 4.97
CA CYS A 13 34.52 16.26 5.56
C CYS A 13 35.76 17.20 5.62
N ASP A 14 36.10 17.69 4.43
CA ASP A 14 36.99 18.83 4.24
C ASP A 14 36.30 20.13 4.77
N CYS A 15 35.09 20.01 5.32
CA CYS A 15 34.29 21.17 5.79
C CYS A 15 34.92 21.89 7.01
N LEU A 16 34.78 23.21 7.02
CA LEU A 16 35.34 24.07 8.04
C LEU A 16 34.24 24.89 8.70
N ASN A 17 34.51 25.35 9.92
CA ASN A 17 33.60 26.21 10.70
C ASN A 17 32.32 25.45 11.09
N GLY A 18 31.14 26.03 10.87
CA GLY A 18 29.90 25.40 11.33
C GLY A 18 29.29 24.40 10.35
N GLY A 19 30.08 23.97 9.36
CA GLY A 19 29.55 23.29 8.18
C GLY A 19 29.38 21.78 8.24
N THR A 20 28.31 21.30 7.62
CA THR A 20 27.99 19.87 7.56
C THR A 20 28.10 19.34 6.11
N CYS A 21 28.84 18.24 5.95
CA CYS A 21 29.08 17.67 4.64
C CYS A 21 27.90 16.87 4.10
N VAL A 22 27.50 17.18 2.87
CA VAL A 22 26.58 16.41 2.07
C VAL A 22 27.23 15.97 0.76
N SER A 23 27.04 14.70 0.41
CA SER A 23 27.46 14.12 -0.85
C SER A 23 26.30 13.39 -1.59
N ASN A 24 26.59 12.92 -2.80
CA ASN A 24 25.62 12.23 -3.67
C ASN A 24 26.33 11.14 -4.51
N LYS A 25 25.91 9.89 -4.37
CA LYS A 25 26.61 8.75 -5.01
C LYS A 25 26.29 8.55 -6.49
N TYR A 26 25.11 9.04 -6.88
CA TYR A 26 24.70 9.12 -8.28
C TYR A 26 25.52 10.18 -9.05
N PHE A 27 26.23 11.04 -8.35
CA PHE A 27 27.03 12.05 -9.03
C PHE A 27 28.52 12.02 -8.64
N SER A 28 29.12 10.82 -8.75
CA SER A 28 30.51 10.49 -8.42
C SER A 28 30.96 10.76 -6.99
N ASN A 29 30.04 10.73 -6.03
CA ASN A 29 30.30 11.12 -4.63
C ASN A 29 30.83 12.54 -4.51
N ILE A 30 30.45 13.46 -5.39
CA ILE A 30 30.83 14.87 -5.22
C ILE A 30 30.26 15.39 -3.88
N HIS A 31 31.10 16.11 -3.14
CA HIS A 31 30.72 16.62 -1.82
C HIS A 31 30.86 18.14 -1.71
N TRP A 32 30.10 18.69 -0.78
CA TRP A 32 30.12 20.10 -0.43
C TRP A 32 29.47 20.20 0.96
N CYS A 33 29.37 21.40 1.49
CA CYS A 33 28.86 21.57 2.85
C CYS A 33 27.65 22.52 2.91
N ASN A 34 26.69 22.26 3.81
CA ASN A 34 25.71 23.32 4.11
C ASN A 34 26.30 24.17 5.22
N CYS A 35 26.30 25.49 4.99
CA CYS A 35 26.97 26.42 5.88
C CYS A 35 26.00 27.33 6.54
N PRO A 36 26.35 27.82 7.73
CA PRO A 36 25.57 28.88 8.35
C PRO A 36 25.46 30.12 7.46
N LYS A 37 24.50 30.98 7.77
CA LYS A 37 24.24 32.21 7.01
C LYS A 37 25.47 33.13 6.77
N LYS A 38 26.37 33.20 7.74
CA LYS A 38 27.51 34.13 7.66
C LYS A 38 28.72 33.57 6.87
N PHE A 39 28.66 32.31 6.45
CA PHE A 39 29.77 31.68 5.78
C PHE A 39 29.41 31.22 4.37
N GLY A 40 30.34 31.42 3.45
CA GLY A 40 30.15 31.08 2.04
C GLY A 40 31.32 30.24 1.47
N GLY A 41 30.87 29.54 0.36
CA GLY A 41 31.76 28.65 -0.40
C GLY A 41 31.63 27.19 0.03
N GLN A 42 32.01 26.30 -0.94
CA GLN A 42 31.99 24.84 -0.78
C GLN A 42 32.33 24.28 0.59
N HIS A 43 33.34 24.83 1.23
CA HIS A 43 33.91 24.25 2.43
C HIS A 43 33.62 25.16 3.65
N CYS A 44 32.62 26.04 3.48
CA CYS A 44 32.43 27.22 4.34
C CYS A 44 33.76 28.00 4.64
N GLU A 45 34.60 28.14 3.62
CA GLU A 45 35.93 28.79 3.79
C GLU A 45 35.84 30.33 3.83
N ILE A 46 34.73 30.87 3.31
CA ILE A 46 34.49 32.32 3.23
C ILE A 46 33.56 32.82 4.35
N ASP A 47 34.10 33.71 5.19
CA ASP A 47 33.35 34.43 6.21
C ASP A 47 32.95 35.76 5.60
N LYS A 48 31.71 35.82 5.11
CA LYS A 48 31.22 37.00 4.39
C LYS A 48 30.68 38.12 5.29
N SER A 49 31.03 38.07 6.58
CA SER A 49 30.55 39.03 7.57
C SER A 49 31.66 39.90 8.18
N LYS A 50 32.80 39.29 8.48
CA LYS A 50 33.95 40.01 9.07
C LYS A 50 34.37 41.29 8.35
N THR A 51 34.51 42.35 9.14
CA THR A 51 34.97 43.67 8.69
C THR A 51 36.37 44.01 9.24
N CYS A 52 36.85 43.23 10.22
CA CYS A 52 38.08 43.53 10.94
C CYS A 52 38.93 42.26 11.02
N TYR A 53 40.25 42.42 11.22
CA TYR A 53 41.16 41.28 11.34
C TYR A 53 41.65 41.06 12.78
N GLU A 54 42.38 39.97 12.96
CA GLU A 54 42.74 39.43 14.26
C GLU A 54 43.99 40.11 14.84
N GLY A 55 44.86 39.36 15.49
CA GLY A 55 46.17 39.85 15.92
C GLY A 55 47.14 39.85 14.76
N ASN A 56 47.69 38.68 14.45
CA ASN A 56 48.58 38.49 13.31
C ASN A 56 47.79 38.48 12.00
N GLY A 57 46.51 38.09 12.08
CA GLY A 57 45.63 38.01 10.90
C GLY A 57 45.81 36.74 10.10
N HIS A 58 46.51 35.76 10.67
CA HIS A 58 46.79 34.49 10.00
C HIS A 58 45.50 33.71 9.67
N PHE A 59 44.48 33.83 10.54
CA PHE A 59 43.20 33.15 10.36
C PHE A 59 42.06 34.11 9.95
N TYR A 60 42.40 35.24 9.35
CA TYR A 60 41.40 36.12 8.78
C TYR A 60 40.84 35.47 7.53
N ARG A 61 39.53 35.58 7.36
CA ARG A 61 38.84 35.15 6.15
C ARG A 61 37.88 36.26 5.81
N GLY A 62 37.08 36.11 4.75
CA GLY A 62 36.19 37.19 4.32
C GLY A 62 36.93 38.17 3.43
N LYS A 63 36.27 39.22 2.95
CA LYS A 63 36.91 40.09 1.95
C LYS A 63 37.71 41.27 2.53
N ALA A 64 37.62 42.42 1.87
CA ALA A 64 38.76 43.27 1.64
C ALA A 64 39.50 42.63 0.45
N SER A 65 39.30 43.21 -0.73
CA SER A 65 40.02 42.84 -1.95
C SER A 65 40.99 43.92 -2.31
N THR A 66 41.27 44.84 -1.40
CA THR A 66 41.88 46.09 -1.80
C THR A 66 43.21 46.37 -1.10
N ASP A 67 43.98 47.25 -1.72
CA ASP A 67 45.23 47.69 -1.16
C ASP A 67 45.09 48.95 -0.33
N THR A 68 46.00 49.07 0.63
CA THR A 68 46.27 50.28 1.39
C THR A 68 46.14 51.58 0.58
N MET A 69 46.54 51.58 -0.70
CA MET A 69 46.30 52.72 -1.58
C MET A 69 45.33 52.38 -2.73
N GLY A 70 44.24 51.72 -2.37
CA GLY A 70 43.16 51.39 -3.31
C GLY A 70 43.64 50.77 -4.61
N ARG A 71 43.60 49.45 -4.67
CA ARG A 71 44.17 48.68 -5.77
C ARG A 71 43.69 47.23 -5.63
N PRO A 72 43.16 46.64 -6.71
CA PRO A 72 42.61 45.30 -6.60
C PRO A 72 43.69 44.26 -6.29
N CYS A 73 43.34 43.29 -5.45
CA CYS A 73 44.19 42.16 -5.26
C CYS A 73 44.08 41.27 -6.48
N LEU A 74 45.09 40.45 -6.70
CA LEU A 74 45.07 39.44 -7.75
C LEU A 74 44.47 38.18 -7.18
N PRO A 75 43.50 37.57 -7.90
CA PRO A 75 42.91 36.30 -7.45
C PRO A 75 43.97 35.21 -7.23
N TRP A 76 43.77 34.35 -6.23
CA TRP A 76 44.77 33.37 -5.90
C TRP A 76 44.80 32.21 -6.89
N ASN A 77 43.92 32.26 -7.91
CA ASN A 77 43.90 31.27 -9.00
C ASN A 77 44.12 31.87 -10.42
N SER A 78 44.54 33.14 -10.44
CA SER A 78 44.98 33.79 -11.70
C SER A 78 46.31 33.21 -12.23
N ALA A 79 46.45 33.06 -13.53
CA ALA A 79 47.69 32.64 -14.17
C ALA A 79 48.94 33.10 -13.38
N THR A 80 48.95 34.40 -13.06
CA THR A 80 50.02 35.05 -12.35
C THR A 80 50.24 34.58 -10.91
N VAL A 81 49.19 34.47 -10.08
CA VAL A 81 49.43 34.09 -8.69
C VAL A 81 49.81 32.62 -8.61
N LEU A 82 49.34 31.80 -9.55
CA LEU A 82 49.80 30.41 -9.65
C LEU A 82 51.30 30.21 -9.94
N GLN A 83 52.05 31.25 -10.27
CA GLN A 83 53.49 31.12 -10.44
C GLN A 83 54.28 31.72 -9.26
N GLN A 84 53.57 32.31 -8.31
CA GLN A 84 54.11 32.76 -7.03
C GLN A 84 54.16 31.63 -6.00
N THR A 85 54.58 31.95 -4.78
CA THR A 85 54.68 30.96 -3.71
C THR A 85 53.30 30.58 -3.16
N TYR A 86 52.43 31.56 -3.02
CA TYR A 86 51.12 31.33 -2.44
C TYR A 86 50.00 31.51 -3.47
N HIS A 87 49.27 30.42 -3.73
CA HIS A 87 48.22 30.39 -4.74
C HIS A 87 47.10 29.38 -4.34
N ALA A 88 46.06 29.24 -5.16
CA ALA A 88 44.91 28.39 -4.77
C ALA A 88 45.11 26.87 -5.00
N HIS A 89 45.99 26.49 -5.92
CA HIS A 89 46.28 25.06 -6.19
C HIS A 89 47.28 24.35 -5.27
N ARG A 90 47.74 24.98 -4.20
CA ARG A 90 48.53 24.20 -3.24
C ARG A 90 47.67 23.23 -2.38
N SER A 91 48.30 22.16 -1.95
CA SER A 91 47.62 21.14 -1.16
C SER A 91 47.03 21.70 0.15
N ASP A 92 47.63 22.77 0.65
CA ASP A 92 47.17 23.42 1.88
C ASP A 92 46.41 24.74 1.63
N ALA A 93 45.88 24.90 0.42
CA ALA A 93 44.99 26.01 0.08
C ALA A 93 43.82 26.17 1.05
N LEU A 94 43.09 25.10 1.30
CA LEU A 94 41.95 25.18 2.18
C LEU A 94 42.35 25.70 3.56
N GLN A 95 43.41 25.12 4.12
CA GLN A 95 43.91 25.48 5.44
C GLN A 95 44.34 26.95 5.53
N LEU A 96 44.78 27.52 4.41
CA LEU A 96 45.36 28.88 4.35
C LEU A 96 44.35 29.90 3.83
N GLY A 97 43.14 29.44 3.47
CA GLY A 97 42.08 30.32 2.98
C GLY A 97 42.29 30.81 1.57
N LEU A 98 43.18 30.10 0.86
CA LEU A 98 43.56 30.45 -0.50
C LEU A 98 42.62 29.78 -1.50
N GLY A 99 41.84 30.56 -2.25
CA GLY A 99 40.77 30.03 -3.10
C GLY A 99 40.51 30.83 -4.36
N LYS A 100 39.39 30.59 -5.01
CA LYS A 100 39.06 31.26 -6.26
C LYS A 100 38.41 32.60 -5.93
N HIS A 101 39.25 33.51 -5.46
CA HIS A 101 38.81 34.81 -4.97
C HIS A 101 40.03 35.67 -4.85
N ASN A 102 39.85 36.96 -4.54
CA ASN A 102 40.99 37.90 -4.39
C ASN A 102 40.99 38.58 -3.03
N TYR A 103 40.62 37.83 -2.01
CA TYR A 103 40.55 38.32 -0.65
C TYR A 103 41.93 38.28 0.01
N CYS A 104 42.23 39.29 0.81
CA CYS A 104 43.50 39.35 1.53
C CYS A 104 43.59 38.27 2.61
N ARG A 105 44.76 37.65 2.70
CA ARG A 105 45.03 36.56 3.66
C ARG A 105 46.40 36.78 4.31
N ASN A 106 46.97 35.78 4.96
CA ASN A 106 48.28 35.88 5.61
C ASN A 106 48.92 34.51 5.94
N PRO A 107 49.10 33.68 4.91
CA PRO A 107 49.49 32.26 5.06
C PRO A 107 50.89 32.07 5.65
N ASP A 108 51.81 32.96 5.32
CA ASP A 108 53.08 33.05 6.02
C ASP A 108 52.84 34.11 7.06
N ASN A 109 53.49 34.01 8.21
CA ASN A 109 53.17 34.94 9.30
C ASN A 109 53.87 36.29 9.12
N ARG A 110 53.11 37.28 8.67
CA ARG A 110 53.54 38.66 8.54
C ARG A 110 52.74 39.51 9.52
N ARG A 111 52.97 40.83 9.52
CA ARG A 111 52.31 41.73 10.46
C ARG A 111 50.78 41.78 10.29
N ARG A 112 50.33 41.97 9.06
CA ARG A 112 48.90 42.07 8.75
C ARG A 112 48.59 41.13 7.58
N PRO A 113 47.29 40.93 7.28
CA PRO A 113 46.95 40.28 6.01
C PRO A 113 47.43 41.06 4.79
N TRP A 114 47.38 40.41 3.63
CA TRP A 114 47.99 40.96 2.43
C TRP A 114 47.54 40.19 1.20
N CYS A 115 47.94 40.71 0.03
CA CYS A 115 47.71 40.00 -1.23
C CYS A 115 48.77 40.31 -2.32
N TYR A 116 48.64 39.65 -3.46
CA TYR A 116 49.45 40.00 -4.61
C TYR A 116 48.75 41.06 -5.44
N VAL A 117 49.51 42.11 -5.76
CA VAL A 117 49.00 43.20 -6.60
C VAL A 117 49.93 43.45 -7.77
N GLN A 118 49.33 43.52 -8.95
CA GLN A 118 50.05 43.80 -10.19
C GLN A 118 50.43 45.28 -10.24
N VAL A 119 51.72 45.55 -10.35
CA VAL A 119 52.22 46.90 -10.55
C VAL A 119 53.04 46.93 -11.85
N GLY A 120 52.31 46.97 -12.96
CA GLY A 120 52.92 46.95 -14.28
C GLY A 120 53.25 45.53 -14.71
N LEU A 121 54.51 45.30 -15.05
CA LEU A 121 54.95 43.99 -15.51
C LEU A 121 55.02 42.89 -14.43
N LYS A 122 55.03 43.27 -13.14
CA LYS A 122 55.31 42.30 -12.07
C LYS A 122 54.34 42.33 -10.88
N PRO A 123 53.97 41.13 -10.35
CA PRO A 123 53.17 40.96 -9.13
C PRO A 123 53.93 41.24 -7.85
N LEU A 124 53.35 41.97 -6.89
CA LEU A 124 54.07 42.29 -5.65
C LEU A 124 53.19 42.19 -4.40
N VAL A 125 53.78 41.82 -3.26
CA VAL A 125 53.03 41.69 -2.03
C VAL A 125 52.67 43.08 -1.46
N GLN A 126 51.48 43.19 -0.89
CA GLN A 126 50.93 44.47 -0.49
C GLN A 126 49.98 44.33 0.68
N GLU A 127 50.25 45.09 1.73
CA GLU A 127 49.37 45.18 2.90
C GLU A 127 47.92 45.49 2.49
N CYS A 128 46.97 44.86 3.16
CA CYS A 128 45.54 45.00 2.85
C CYS A 128 44.88 46.12 3.66
N MET A 129 43.93 46.81 3.02
CA MET A 129 43.21 47.94 3.60
C MET A 129 42.52 47.58 4.93
N VAL A 130 41.88 46.42 5.00
CA VAL A 130 41.20 45.93 6.22
C VAL A 130 41.85 46.38 7.53
N HIS A 131 41.06 47.01 8.40
CA HIS A 131 41.52 47.55 9.68
C HIS A 131 41.69 46.48 10.77
N ASP A 132 42.44 46.82 11.80
CA ASP A 132 42.65 45.96 12.97
C ASP A 132 41.52 46.14 13.97
N CYS A 133 41.26 45.10 14.76
CA CYS A 133 40.23 45.15 15.81
C CYS A 133 40.78 45.67 17.14
N ALA A 134 41.04 46.97 17.19
CA ALA A 134 41.58 47.62 18.36
C ALA A 134 41.56 49.14 18.22
N GLN B 1 5.00 43.74 -22.62
CA GLN B 1 6.08 44.61 -22.07
C GLN B 1 7.40 43.83 -21.96
N GLU B 2 8.47 44.41 -22.50
CA GLU B 2 9.79 43.76 -22.53
C GLU B 2 10.47 43.78 -21.16
N SER B 3 10.29 44.87 -20.42
CA SER B 3 10.97 45.08 -19.13
C SER B 3 9.96 45.44 -18.04
N CYS B 4 10.02 44.75 -16.91
CA CYS B 4 8.99 44.89 -15.87
C CYS B 4 9.22 46.05 -14.89
N LYS B 5 8.29 46.20 -13.96
CA LYS B 5 8.28 47.24 -12.93
C LYS B 5 7.00 47.09 -12.12
N GLY B 6 5.88 46.99 -12.81
CA GLY B 6 4.56 46.81 -12.22
C GLY B 6 4.53 45.81 -11.08
N ARG B 7 4.76 46.33 -9.87
CA ARG B 7 4.60 45.58 -8.60
C ARG B 7 5.81 44.72 -8.20
N CYS B 8 6.51 44.14 -9.17
CA CYS B 8 7.66 43.24 -8.92
C CYS B 8 7.32 42.11 -7.94
N THR B 9 6.03 41.78 -7.83
CA THR B 9 5.53 40.73 -6.94
C THR B 9 4.26 40.14 -7.54
N GLU B 10 4.34 39.80 -8.83
CA GLU B 10 3.25 39.17 -9.57
C GLU B 10 3.49 37.66 -9.70
N GLY B 11 4.76 37.26 -9.71
CA GLY B 11 5.15 35.85 -9.74
C GLY B 11 5.54 35.40 -11.13
N PHE B 12 5.62 34.09 -11.33
CA PHE B 12 5.87 33.52 -12.65
C PHE B 12 4.65 33.75 -13.54
N ASN B 13 4.78 34.68 -14.48
CA ASN B 13 3.71 34.95 -15.44
C ASN B 13 3.60 33.78 -16.42
N VAL B 14 2.41 33.21 -16.53
CA VAL B 14 2.20 31.95 -17.22
C VAL B 14 2.64 31.93 -18.70
N ASP B 15 2.57 33.07 -19.38
CA ASP B 15 2.86 33.11 -20.82
C ASP B 15 3.48 34.44 -21.31
N LYS B 16 4.74 34.69 -20.93
CA LYS B 16 5.50 35.85 -21.42
C LYS B 16 7.01 35.58 -21.50
N LYS B 17 7.72 36.38 -22.28
CA LYS B 17 9.17 36.27 -22.42
C LYS B 17 9.86 37.07 -21.30
N CYS B 18 10.80 36.42 -20.61
CA CYS B 18 11.50 36.97 -19.44
C CYS B 18 10.55 37.38 -18.29
N GLN B 19 10.95 37.02 -17.07
CA GLN B 19 10.05 37.07 -15.91
C GLN B 19 10.65 37.84 -14.74
N CYS B 20 9.84 38.08 -13.72
CA CYS B 20 10.26 38.87 -12.55
C CYS B 20 9.75 38.25 -11.24
N ASP B 21 9.90 36.94 -11.10
CA ASP B 21 9.59 36.22 -9.86
C ASP B 21 10.84 36.10 -8.97
N GLU B 22 10.66 35.47 -7.81
CA GLU B 22 11.76 35.32 -6.84
C GLU B 22 12.88 34.44 -7.40
N LEU B 23 12.51 33.34 -8.06
CA LEU B 23 13.50 32.39 -8.60
C LEU B 23 13.87 32.64 -10.07
N CYS B 24 13.67 33.84 -10.59
CA CYS B 24 13.89 34.08 -12.02
C CYS B 24 15.36 33.90 -12.40
N SER B 25 16.27 34.17 -11.47
CA SER B 25 17.69 33.95 -11.69
C SER B 25 18.09 32.47 -11.55
N TYR B 26 17.22 31.66 -10.96
CA TYR B 26 17.47 30.21 -10.90
C TYR B 26 17.23 29.58 -12.27
N TYR B 27 16.17 30.03 -12.94
CA TYR B 27 15.89 29.62 -14.32
C TYR B 27 16.63 30.45 -15.36
N GLN B 28 17.43 31.42 -14.90
CA GLN B 28 18.14 32.37 -15.77
C GLN B 28 17.20 32.95 -16.83
N SER B 29 16.05 33.44 -16.36
CA SER B 29 15.00 33.96 -17.22
C SER B 29 14.81 35.47 -17.10
N CYS B 30 15.42 36.10 -16.09
CA CYS B 30 15.07 37.47 -15.72
C CYS B 30 15.33 38.49 -16.83
N CYS B 31 14.50 39.53 -16.84
CA CYS B 31 14.77 40.74 -17.60
C CYS B 31 15.73 41.58 -16.74
N THR B 32 16.76 42.15 -17.37
CA THR B 32 17.87 42.80 -16.64
C THR B 32 17.47 43.95 -15.72
N ASP B 33 16.33 44.57 -15.98
CA ASP B 33 15.79 45.63 -15.10
C ASP B 33 15.44 45.11 -13.70
N TYR B 34 15.10 43.82 -13.61
CA TYR B 34 14.78 43.18 -12.32
C TYR B 34 15.89 43.34 -11.29
N THR B 35 17.14 43.27 -11.76
CA THR B 35 18.31 43.40 -10.88
C THR B 35 18.40 44.80 -10.25
N ALA B 36 17.92 45.82 -10.97
CA ALA B 36 17.91 47.20 -10.48
C ALA B 36 16.51 47.70 -10.11
N GLU B 37 15.50 46.82 -10.18
CA GLU B 37 14.14 47.17 -9.80
C GLU B 37 13.91 46.93 -8.30
N CYS B 38 13.47 45.73 -7.94
CA CYS B 38 13.10 45.43 -6.55
C CYS B 38 14.23 44.67 -5.84
N LYS B 39 15.40 45.31 -5.73
CA LYS B 39 16.59 44.65 -5.17
C LYS B 39 16.89 44.34 -3.69
N PRO B 40 17.73 45.19 -3.01
CA PRO B 40 18.25 44.80 -1.69
C PRO B 40 17.31 43.97 -0.81
N ASP C 1 2.57 -17.30 15.84
CA ASP C 1 1.88 -16.60 14.70
C ASP C 1 0.65 -15.78 15.08
N ILE C 2 0.86 -14.48 15.20
CA ILE C 2 -0.15 -13.48 15.56
C ILE C 2 -1.59 -13.97 15.56
N VAL C 3 -2.19 -14.11 16.74
CA VAL C 3 -3.63 -14.44 16.85
C VAL C 3 -4.38 -13.11 17.01
N LEU C 4 -5.56 -13.03 16.41
CA LEU C 4 -6.37 -11.83 16.51
C LEU C 4 -7.67 -12.23 17.18
N THR C 5 -7.92 -11.65 18.35
CA THR C 5 -9.18 -11.90 19.02
C THR C 5 -10.02 -10.61 18.95
N GLN C 6 -11.23 -10.82 18.43
CA GLN C 6 -12.20 -9.78 18.23
C GLN C 6 -13.21 -9.91 19.34
N SER C 7 -13.46 -8.81 20.04
CA SER C 7 -14.48 -8.84 21.06
C SER C 7 -15.45 -7.65 20.92
N PRO C 8 -16.75 -7.90 21.10
CA PRO C 8 -17.38 -9.21 21.39
C PRO C 8 -17.63 -10.04 20.10
N ASP C 9 -18.31 -11.19 20.18
CA ASP C 9 -18.62 -12.02 18.99
C ASP C 9 -19.91 -11.54 18.40
N ILE C 10 -20.79 -11.11 19.30
CA ILE C 10 -22.08 -10.63 18.95
C ILE C 10 -22.45 -9.52 19.94
N THR C 11 -22.98 -8.43 19.42
CA THR C 11 -23.57 -7.37 20.25
C THR C 11 -24.82 -6.84 19.58
N ALA C 12 -25.80 -6.53 20.40
CA ALA C 12 -27.04 -5.94 19.89
C ALA C 12 -27.01 -4.49 20.38
N ALA C 13 -27.11 -3.53 19.46
CA ALA C 13 -27.05 -2.13 19.86
C ALA C 13 -28.34 -1.42 19.53
N SER C 14 -28.75 -0.55 20.44
CA SER C 14 -29.86 0.39 20.22
C SER C 14 -29.45 1.40 19.16
N LEU C 15 -30.42 1.85 18.37
CA LEU C 15 -30.24 3.02 17.54
C LEU C 15 -29.83 4.18 18.43
N GLY C 16 -28.73 4.86 18.05
CA GLY C 16 -28.20 6.01 18.80
C GLY C 16 -27.11 5.67 19.80
N GLN C 17 -26.97 4.40 20.11
CA GLN C 17 -25.99 3.91 21.08
C GLN C 17 -24.59 3.94 20.43
N LYS C 18 -23.60 4.30 21.22
CA LYS C 18 -22.20 4.23 20.87
C LYS C 18 -21.79 2.74 20.89
N VAL C 19 -21.16 2.27 19.81
CA VAL C 19 -20.72 0.88 19.69
C VAL C 19 -19.21 0.82 19.58
N THR C 20 -18.59 -0.06 20.34
CA THR C 20 -17.14 -0.28 20.25
C THR C 20 -16.84 -1.75 20.03
N ILE C 21 -16.19 -2.04 18.90
CA ILE C 21 -15.60 -3.34 18.59
C ILE C 21 -14.14 -3.22 18.89
N THR C 22 -13.58 -4.18 19.59
CA THR C 22 -12.11 -4.18 19.72
C THR C 22 -11.48 -5.39 19.02
N CYS C 23 -10.27 -5.20 18.55
CA CYS C 23 -9.46 -6.26 17.99
C CYS C 23 -8.17 -6.40 18.81
N SER C 24 -7.93 -7.61 19.30
CA SER C 24 -6.77 -7.89 20.14
C SER C 24 -5.67 -8.69 19.38
N ALA C 25 -4.44 -8.18 19.31
CA ALA C 25 -3.31 -8.93 18.69
C ALA C 25 -2.25 -9.54 19.67
N SER C 26 -2.26 -10.91 19.84
CA SER C 26 -1.27 -11.66 20.66
C SER C 26 0.17 -11.04 20.55
N SER C 27 0.54 -10.38 19.39
CA SER C 27 1.81 -9.62 19.19
C SER C 27 1.51 -8.27 18.39
N SER C 28 2.40 -7.24 18.37
CA SER C 28 2.30 -5.87 17.74
C SER C 28 2.25 -5.77 16.20
N VAL C 29 1.16 -5.17 15.63
CA VAL C 29 1.04 -4.99 14.18
C VAL C 29 0.91 -3.50 13.87
N SER C 30 1.74 -2.97 13.01
CA SER C 30 1.72 -1.54 12.71
C SER C 30 0.41 -0.94 12.14
N TYR C 31 -0.34 -1.69 11.33
CA TYR C 31 -1.57 -1.19 10.76
C TYR C 31 -2.61 -2.29 10.80
N MET C 32 -3.84 -1.87 11.07
CA MET C 32 -4.95 -2.77 11.15
C MET C 32 -6.05 -2.18 10.30
N HIS C 33 -6.77 -3.02 9.58
CA HIS C 33 -7.85 -2.57 8.70
C HIS C 33 -9.09 -3.26 9.16
N TRP C 34 -10.22 -2.78 8.65
CA TRP C 34 -11.51 -3.25 9.07
C TRP C 34 -12.39 -3.39 7.83
N TYR C 35 -13.12 -4.50 7.74
CA TYR C 35 -14.04 -4.77 6.64
C TYR C 35 -15.44 -4.98 7.18
N GLN C 36 -16.43 -4.59 6.36
CA GLN C 36 -17.83 -4.82 6.65
C GLN C 36 -18.41 -5.83 5.70
N GLN C 37 -19.13 -6.81 6.23
CA GLN C 37 -19.83 -7.79 5.39
C GLN C 37 -21.31 -7.99 5.70
N LYS C 38 -22.13 -7.92 4.68
CA LYS C 38 -23.55 -8.26 4.77
C LYS C 38 -23.88 -9.53 3.96
N SER C 39 -24.67 -10.42 4.52
CA SER C 39 -25.30 -11.54 3.76
C SER C 39 -24.30 -12.45 3.03
N GLY C 40 -23.16 -12.71 3.69
CA GLY C 40 -21.99 -13.32 3.06
C GLY C 40 -21.64 -12.80 1.68
N THR C 41 -21.89 -11.49 1.41
CA THR C 41 -21.43 -10.89 0.16
C THR C 41 -19.99 -10.46 0.32
N SER C 42 -19.38 -9.96 -0.72
CA SER C 42 -18.00 -9.55 -0.61
C SER C 42 -17.84 -8.58 0.57
N PRO C 43 -16.84 -8.83 1.41
CA PRO C 43 -16.43 -7.86 2.40
C PRO C 43 -16.13 -6.52 1.69
N LYS C 44 -16.60 -5.43 2.32
CA LYS C 44 -16.35 -4.11 1.79
C LYS C 44 -15.27 -3.45 2.63
N PRO C 45 -14.23 -2.93 1.96
CA PRO C 45 -13.28 -2.18 2.78
C PRO C 45 -14.02 -1.01 3.49
N TRP C 46 -13.71 -0.85 4.77
CA TRP C 46 -14.47 0.05 5.61
C TRP C 46 -13.57 1.07 6.24
N ILE C 47 -12.58 0.58 6.96
CA ILE C 47 -11.54 1.40 7.54
C ILE C 47 -10.20 0.75 7.23
N PHE C 48 -9.36 1.47 6.50
CA PHE C 48 -7.99 1.05 6.29
C PHE C 48 -7.03 1.98 7.07
N GLU C 49 -5.76 1.55 7.12
CA GLU C 49 -4.68 2.17 7.89
C GLU C 49 -5.10 2.80 9.19
N ILE C 50 -5.88 2.02 9.93
CA ILE C 50 -6.18 2.24 11.32
C ILE C 50 -7.42 3.10 11.49
N SER C 51 -7.43 4.24 10.82
CA SER C 51 -8.37 5.33 11.06
C SER C 51 -8.89 6.02 9.79
N LYS C 52 -8.43 5.59 8.61
CA LYS C 52 -8.88 6.18 7.36
C LYS C 52 -10.16 5.52 6.80
N LEU C 53 -11.14 6.34 6.46
CA LEU C 53 -12.39 5.85 5.94
C LEU C 53 -12.31 5.55 4.44
N ALA C 54 -12.85 4.40 4.06
CA ALA C 54 -13.05 4.08 2.66
C ALA C 54 -14.12 5.00 2.06
N SER C 55 -14.06 5.19 0.76
CA SER C 55 -15.01 6.04 0.03
C SER C 55 -16.47 5.61 0.33
N GLY C 56 -17.32 6.59 0.63
CA GLY C 56 -18.70 6.30 1.04
C GLY C 56 -18.95 5.82 2.47
N VAL C 57 -17.91 5.63 3.29
CA VAL C 57 -18.12 5.26 4.69
C VAL C 57 -18.57 6.54 5.45
N PRO C 58 -19.74 6.51 6.14
CA PRO C 58 -20.23 7.71 6.83
C PRO C 58 -19.40 8.13 8.07
N ALA C 59 -19.47 9.41 8.40
CA ALA C 59 -18.60 10.01 9.43
C ALA C 59 -18.83 9.52 10.88
N ARG C 60 -19.94 8.85 11.16
CA ARG C 60 -20.15 8.23 12.48
C ARG C 60 -19.18 7.07 12.79
N PHE C 61 -18.46 6.60 11.77
CA PHE C 61 -17.49 5.50 11.92
C PHE C 61 -16.10 6.06 12.17
N SER C 62 -15.40 5.48 13.13
CA SER C 62 -13.97 5.79 13.31
C SER C 62 -13.19 4.55 13.72
N GLY C 63 -11.88 4.64 13.67
CA GLY C 63 -11.06 3.53 14.09
C GLY C 63 -9.84 4.06 14.76
N SER C 64 -9.31 3.32 15.70
CA SER C 64 -8.08 3.80 16.30
C SER C 64 -7.36 2.65 16.98
N GLY C 65 -6.16 2.94 17.45
CA GLY C 65 -5.38 1.96 18.18
C GLY C 65 -3.92 1.91 17.74
N SER C 66 -3.28 0.87 18.26
CA SER C 66 -1.88 0.59 18.00
C SER C 66 -1.40 -0.69 18.69
N GLY C 67 -0.23 -1.16 18.26
CA GLY C 67 0.45 -2.31 18.83
C GLY C 67 -0.41 -3.55 18.82
N THR C 68 -0.91 -3.89 20.01
CA THR C 68 -1.74 -5.06 20.18
C THR C 68 -3.22 -4.72 20.41
N SER C 69 -3.60 -3.46 20.26
CA SER C 69 -5.02 -3.10 20.45
C SER C 69 -5.51 -1.99 19.49
N TYR C 70 -6.61 -2.33 18.82
CA TYR C 70 -7.29 -1.48 17.86
C TYR C 70 -8.79 -1.55 18.14
N SER C 71 -9.48 -0.47 17.77
CA SER C 71 -10.92 -0.46 17.92
C SER C 71 -11.58 0.16 16.70
N LEU C 72 -12.80 -0.30 16.45
CA LEU C 72 -13.72 0.37 15.58
C LEU C 72 -14.85 0.97 16.41
N THR C 73 -15.05 2.27 16.29
CA THR C 73 -16.17 2.88 16.99
C THR C 73 -17.23 3.31 16.01
N ILE C 74 -18.48 3.04 16.33
CA ILE C 74 -19.56 3.82 15.74
C ILE C 74 -20.21 4.72 16.79
N SER C 75 -19.98 6.02 16.66
CA SER C 75 -20.44 7.00 17.65
C SER C 75 -21.97 7.02 17.86
N SER C 76 -22.75 6.61 16.86
CA SER C 76 -24.22 6.50 17.02
C SER C 76 -24.81 5.49 16.04
N MET C 77 -25.35 4.39 16.58
CA MET C 77 -25.71 3.18 15.82
C MET C 77 -26.91 3.39 14.90
N GLU C 78 -26.76 3.07 13.63
CA GLU C 78 -27.87 3.15 12.68
C GLU C 78 -28.21 1.78 12.17
N ALA C 79 -29.39 1.68 11.59
CA ALA C 79 -29.93 0.38 11.20
C ALA C 79 -29.06 -0.26 10.11
N GLU C 80 -28.64 0.53 9.12
CA GLU C 80 -27.76 0.03 8.03
C GLU C 80 -26.35 -0.36 8.47
N ASP C 81 -25.98 -0.05 9.72
CA ASP C 81 -24.72 -0.51 10.31
C ASP C 81 -24.71 -1.95 10.80
N ALA C 82 -25.88 -2.61 10.83
CA ALA C 82 -25.96 -4.03 11.22
C ALA C 82 -25.24 -4.89 10.22
N ALA C 83 -24.24 -5.61 10.69
CA ALA C 83 -23.35 -6.33 9.81
C ALA C 83 -22.34 -7.17 10.57
N ILE C 84 -21.51 -7.86 9.80
CA ILE C 84 -20.36 -8.51 10.43
C ILE C 84 -19.17 -7.62 10.10
N TYR C 85 -18.35 -7.35 11.10
CA TYR C 85 -17.15 -6.59 10.95
C TYR C 85 -15.90 -7.44 11.29
N TYR C 86 -14.89 -7.34 10.43
CA TYR C 86 -13.69 -8.18 10.52
C TYR C 86 -12.52 -7.21 10.61
N CYS C 87 -11.63 -7.39 11.57
CA CYS C 87 -10.35 -6.74 11.54
C CYS C 87 -9.37 -7.59 10.71
N GLN C 88 -8.32 -6.95 10.24
CA GLN C 88 -7.27 -7.63 9.56
C GLN C 88 -5.93 -6.91 9.72
N GLN C 89 -4.92 -7.64 10.16
CA GLN C 89 -3.55 -7.16 10.04
C GLN C 89 -3.19 -6.84 8.57
N TRP C 90 -2.45 -5.74 8.41
CA TRP C 90 -2.06 -5.23 7.13
C TRP C 90 -1.05 -6.14 6.40
N ASN C 91 -0.24 -6.83 7.22
CA ASN C 91 0.88 -7.68 6.78
C ASN C 91 0.65 -9.17 6.67
N TYR C 92 1.70 -9.82 6.05
CA TYR C 92 1.75 -11.24 5.55
C TYR C 92 0.73 -12.20 6.08
N PRO C 93 0.93 -12.98 7.14
CA PRO C 93 -0.26 -13.85 7.31
C PRO C 93 -1.67 -13.17 6.99
N PHE C 94 -1.85 -11.83 6.77
CA PHE C 94 -3.19 -11.25 6.37
C PHE C 94 -4.40 -11.88 7.07
N THR C 95 -4.15 -12.28 8.30
CA THR C 95 -5.12 -12.95 9.15
C THR C 95 -6.26 -12.00 9.50
N PHE C 96 -7.47 -12.51 9.41
CA PHE C 96 -8.65 -11.83 9.82
C PHE C 96 -9.07 -12.28 11.20
N GLY C 97 -9.51 -11.34 12.03
CA GLY C 97 -10.20 -11.63 13.27
C GLY C 97 -11.39 -12.48 13.01
N GLY C 98 -11.90 -13.13 14.03
CA GLY C 98 -13.01 -14.06 13.87
C GLY C 98 -14.36 -13.42 13.58
N GLY C 99 -14.45 -12.11 13.75
CA GLY C 99 -15.61 -11.36 13.36
C GLY C 99 -16.48 -10.98 14.53
N THR C 100 -17.05 -9.76 14.47
CA THR C 100 -18.12 -9.29 15.40
C THR C 100 -19.43 -9.12 14.65
N LYS C 101 -20.46 -9.83 15.07
CA LYS C 101 -21.79 -9.67 14.50
C LYS C 101 -22.56 -8.55 15.27
N LEU C 102 -22.86 -7.47 14.54
CA LEU C 102 -23.46 -6.30 15.11
C LEU C 102 -24.91 -6.28 14.69
N GLU C 103 -25.79 -6.31 15.67
CA GLU C 103 -27.20 -6.31 15.39
C GLU C 103 -27.88 -5.12 16.05
N ILE C 104 -29.14 -4.93 15.71
CA ILE C 104 -29.95 -3.91 16.28
C ILE C 104 -30.65 -4.45 17.51
N LYS C 105 -30.49 -3.75 18.63
CA LYS C 105 -31.20 -4.05 19.86
C LYS C 105 -32.62 -3.52 19.78
N ARG C 106 -33.54 -4.23 20.40
CA ARG C 106 -34.93 -3.83 20.37
C ARG C 106 -35.71 -4.55 21.46
N ALA C 107 -36.94 -4.12 21.65
CA ALA C 107 -37.84 -4.66 22.67
C ALA C 107 -38.07 -6.17 22.48
N ASP C 108 -37.97 -6.90 23.56
CA ASP C 108 -38.38 -8.29 23.60
C ASP C 108 -39.72 -8.49 22.92
N ALA C 109 -39.76 -9.52 22.07
CA ALA C 109 -40.97 -9.92 21.38
C ALA C 109 -41.07 -11.49 21.37
N ALA C 110 -42.20 -11.99 21.81
CA ALA C 110 -42.47 -13.42 21.83
C ALA C 110 -42.65 -14.00 20.41
N PRO C 111 -42.26 -15.29 20.20
CA PRO C 111 -42.52 -16.01 18.96
C PRO C 111 -44.02 -16.25 18.74
N THR C 112 -44.43 -16.09 17.49
CA THR C 112 -45.69 -16.60 17.01
C THR C 112 -45.38 -17.97 16.45
N VAL C 113 -45.92 -18.95 17.14
CA VAL C 113 -45.73 -20.33 16.87
C VAL C 113 -46.93 -20.94 16.08
N SER C 114 -46.65 -21.51 14.89
CA SER C 114 -47.58 -22.39 14.13
C SER C 114 -46.97 -23.79 13.82
N ILE C 115 -47.77 -24.82 14.00
CA ILE C 115 -47.40 -26.20 13.72
C ILE C 115 -48.24 -26.70 12.52
N PHE C 116 -47.65 -27.50 11.64
CA PHE C 116 -48.34 -28.00 10.46
C PHE C 116 -48.16 -29.50 10.37
N PRO C 117 -49.25 -30.24 10.15
CA PRO C 117 -49.10 -31.68 9.89
C PRO C 117 -48.49 -31.90 8.49
N PRO C 118 -48.02 -33.13 8.18
CA PRO C 118 -47.69 -33.52 6.82
C PRO C 118 -48.87 -33.33 5.87
N SER C 119 -48.59 -32.83 4.69
CA SER C 119 -49.57 -32.73 3.62
C SER C 119 -49.92 -34.11 3.05
N SER C 120 -51.15 -34.26 2.60
CA SER C 120 -51.61 -35.41 1.86
C SER C 120 -50.64 -35.92 0.80
N GLU C 121 -50.09 -35.02 0.00
CA GLU C 121 -49.22 -35.36 -1.09
C GLU C 121 -47.90 -35.97 -0.63
N GLN C 122 -47.39 -35.51 0.53
CA GLN C 122 -46.16 -36.07 1.07
C GLN C 122 -46.47 -37.42 1.67
N LEU C 123 -47.64 -37.55 2.26
CA LEU C 123 -48.06 -38.85 2.73
C LEU C 123 -48.28 -39.83 1.57
N THR C 124 -48.80 -39.37 0.40
CA THR C 124 -49.01 -40.32 -0.71
C THR C 124 -47.67 -40.71 -1.31
N SER C 125 -46.69 -39.85 -1.17
CA SER C 125 -45.32 -40.11 -1.65
C SER C 125 -44.44 -40.98 -0.72
N GLY C 126 -44.91 -41.27 0.50
CA GLY C 126 -44.22 -42.18 1.43
C GLY C 126 -43.48 -41.56 2.60
N GLY C 127 -43.50 -40.24 2.70
CA GLY C 127 -42.76 -39.52 3.75
C GLY C 127 -43.69 -38.73 4.62
N ALA C 128 -43.14 -38.07 5.62
CA ALA C 128 -43.94 -37.31 6.60
C ALA C 128 -43.08 -36.26 7.31
N SER C 129 -43.36 -34.99 7.08
CA SER C 129 -42.65 -33.90 7.74
C SER C 129 -43.63 -33.06 8.56
N VAL C 130 -43.30 -32.79 9.81
CA VAL C 130 -44.09 -31.92 10.65
C VAL C 130 -43.29 -30.61 10.75
N VAL C 131 -43.95 -29.49 10.52
CA VAL C 131 -43.22 -28.22 10.49
C VAL C 131 -43.75 -27.24 11.52
N CYS C 132 -42.82 -26.55 12.14
CA CYS C 132 -43.10 -25.55 13.12
C CYS C 132 -42.45 -24.22 12.72
N PHE C 133 -43.25 -23.15 12.66
CA PHE C 133 -42.69 -21.83 12.46
C PHE C 133 -42.69 -21.12 13.81
N LEU C 134 -41.55 -20.57 14.17
CA LEU C 134 -41.48 -19.67 15.31
C LEU C 134 -41.15 -18.30 14.77
N ASN C 135 -42.18 -17.48 14.55
CA ASN C 135 -41.95 -16.23 13.84
C ASN C 135 -41.85 -14.99 14.73
N ASN C 136 -41.05 -14.02 14.24
CA ASN C 136 -41.00 -12.62 14.70
C ASN C 136 -40.69 -12.42 16.19
N PHE C 137 -39.59 -12.97 16.65
CA PHE C 137 -39.26 -12.91 18.06
C PHE C 137 -37.97 -12.09 18.27
N TYR C 138 -37.76 -11.61 19.49
CA TYR C 138 -36.51 -10.99 19.90
C TYR C 138 -36.31 -11.14 21.40
N PRO C 139 -35.08 -11.43 21.87
CA PRO C 139 -33.77 -11.75 21.26
C PRO C 139 -33.66 -13.08 20.46
N LYS C 140 -32.51 -13.37 19.82
CA LYS C 140 -32.35 -14.56 18.95
C LYS C 140 -32.29 -15.89 19.72
N ASP C 141 -32.05 -15.86 21.01
CA ASP C 141 -31.95 -17.06 21.82
C ASP C 141 -33.32 -17.76 21.95
N ILE C 142 -33.36 -19.01 21.50
CA ILE C 142 -34.62 -19.75 21.50
C ILE C 142 -34.35 -21.24 21.45
N ASN C 143 -35.16 -21.96 22.20
CA ASN C 143 -35.11 -23.41 22.24
C ASN C 143 -36.44 -23.93 21.76
N VAL C 144 -36.39 -24.83 20.79
CA VAL C 144 -37.56 -25.59 20.36
C VAL C 144 -37.47 -27.08 20.78
N LYS C 145 -38.54 -27.58 21.36
CA LYS C 145 -38.63 -28.96 21.84
C LYS C 145 -39.77 -29.60 21.07
N TRP C 146 -39.50 -30.73 20.44
CA TRP C 146 -40.53 -31.57 19.84
C TRP C 146 -40.99 -32.70 20.74
N LYS C 147 -42.31 -32.90 20.78
CA LYS C 147 -42.90 -33.97 21.55
C LYS C 147 -43.89 -34.81 20.70
N ILE C 148 -43.71 -36.13 20.77
CA ILE C 148 -44.60 -37.08 20.09
C ILE C 148 -45.27 -37.85 21.19
N ASP C 149 -46.60 -37.88 21.15
CA ASP C 149 -47.45 -38.46 22.22
C ASP C 149 -46.99 -38.12 23.65
N GLY C 150 -46.49 -36.89 23.86
CA GLY C 150 -45.91 -36.46 25.14
C GLY C 150 -44.42 -36.73 25.48
N SER C 151 -43.66 -37.38 24.63
CA SER C 151 -42.22 -37.65 24.88
C SER C 151 -41.29 -36.78 23.99
N GLU C 152 -40.23 -36.23 24.58
CA GLU C 152 -39.30 -35.42 23.80
C GLU C 152 -38.71 -36.22 22.63
N ARG C 153 -38.70 -35.62 21.45
CA ARG C 153 -38.07 -36.23 20.29
C ARG C 153 -36.93 -35.36 19.75
N GLN C 154 -35.74 -35.93 19.77
CA GLN C 154 -34.53 -35.21 19.46
C GLN C 154 -34.04 -35.53 18.04
N ASN C 155 -34.20 -36.77 17.60
CA ASN C 155 -33.68 -37.17 16.28
C ASN C 155 -34.58 -36.84 15.10
N GLY C 156 -33.98 -36.49 13.98
CA GLY C 156 -34.67 -36.12 12.75
C GLY C 156 -35.22 -34.72 12.72
N VAL C 157 -34.73 -33.85 13.63
CA VAL C 157 -35.10 -32.44 13.70
C VAL C 157 -34.09 -31.57 12.93
N LEU C 158 -34.58 -30.79 11.97
CA LEU C 158 -33.79 -29.78 11.28
C LEU C 158 -34.35 -28.35 11.54
N ASN C 159 -33.44 -27.45 11.91
CA ASN C 159 -33.75 -26.06 12.24
C ASN C 159 -33.04 -25.08 11.33
N SER C 160 -33.68 -23.93 11.14
CA SER C 160 -33.19 -22.92 10.24
C SER C 160 -33.68 -21.56 10.74
N TRP C 161 -32.76 -20.59 10.76
CA TRP C 161 -32.98 -19.23 11.30
C TRP C 161 -32.81 -18.22 10.21
N THR C 162 -33.69 -17.23 10.19
CA THR C 162 -33.51 -16.04 9.40
C THR C 162 -32.44 -15.13 10.03
N ASP C 163 -32.01 -14.16 9.27
CA ASP C 163 -31.26 -13.01 9.81
C ASP C 163 -32.31 -12.03 10.32
N GLN C 164 -31.83 -11.06 11.09
CA GLN C 164 -32.63 -9.96 11.58
C GLN C 164 -33.41 -9.30 10.48
N ASP C 165 -34.72 -9.24 10.66
CA ASP C 165 -35.58 -8.61 9.71
C ASP C 165 -35.24 -7.09 9.63
N SER C 166 -35.34 -6.55 8.41
CA SER C 166 -34.86 -5.21 8.05
C SER C 166 -35.78 -4.09 8.56
N LYS C 167 -37.00 -4.48 8.92
CA LYS C 167 -38.11 -3.57 9.16
C LYS C 167 -38.57 -3.53 10.63
N ASP C 168 -38.76 -4.70 11.24
CA ASP C 168 -39.12 -4.81 12.67
C ASP C 168 -37.99 -5.34 13.60
N SER C 169 -36.81 -5.64 13.03
CA SER C 169 -35.62 -6.12 13.78
C SER C 169 -35.77 -7.45 14.55
N THR C 170 -36.78 -8.26 14.23
CA THR C 170 -36.94 -9.57 14.88
C THR C 170 -36.23 -10.67 14.12
N TYR C 171 -36.23 -11.87 14.72
CA TYR C 171 -35.82 -13.13 14.08
C TYR C 171 -36.96 -14.14 13.93
N SER C 172 -36.73 -15.09 13.03
CA SER C 172 -37.62 -16.18 12.81
C SER C 172 -36.88 -17.50 12.65
N MET C 173 -37.51 -18.57 13.11
CA MET C 173 -36.94 -19.90 12.98
C MET C 173 -38.00 -20.91 12.50
N SER C 174 -37.55 -21.79 11.63
CA SER C 174 -38.32 -22.92 11.17
C SER C 174 -37.72 -24.18 11.77
N SER C 175 -38.58 -25.04 12.28
CA SER C 175 -38.16 -26.33 12.81
C SER C 175 -38.94 -27.41 12.13
N THR C 176 -38.26 -28.37 11.54
CA THR C 176 -38.98 -29.43 10.84
C THR C 176 -38.64 -30.80 11.41
N LEU C 177 -39.67 -31.58 11.70
CA LEU C 177 -39.49 -32.92 12.24
C LEU C 177 -39.83 -33.92 11.13
N THR C 178 -38.86 -34.74 10.74
CA THR C 178 -39.08 -35.67 9.64
C THR C 178 -39.08 -37.13 10.10
N LEU C 179 -40.10 -37.85 9.69
CA LEU C 179 -40.28 -39.22 10.13
C LEU C 179 -40.73 -40.06 8.99
N THR C 180 -40.71 -41.35 9.19
CA THR C 180 -41.36 -42.22 8.22
C THR C 180 -42.89 -42.04 8.39
N LYS C 181 -43.58 -42.17 7.28
CA LYS C 181 -45.03 -42.27 7.24
C LYS C 181 -45.62 -43.23 8.31
N ASP C 182 -45.04 -44.43 8.42
CA ASP C 182 -45.48 -45.43 9.37
C ASP C 182 -45.29 -44.98 10.84
N GLU C 183 -44.16 -44.40 11.19
CA GLU C 183 -44.03 -43.84 12.49
C GLU C 183 -45.03 -42.68 12.76
N TYR C 184 -45.29 -41.83 11.77
CA TYR C 184 -46.23 -40.73 11.86
C TYR C 184 -47.67 -41.23 12.17
N GLU C 185 -48.01 -42.35 11.50
CA GLU C 185 -49.30 -43.00 11.57
C GLU C 185 -49.53 -43.80 12.85
N ARG C 186 -48.45 -44.28 13.47
CA ARG C 186 -48.49 -44.91 14.80
C ARG C 186 -48.58 -43.91 16.03
N HIS C 187 -48.58 -42.61 15.80
CA HIS C 187 -48.77 -41.64 16.90
C HIS C 187 -49.80 -40.58 16.54
N ASN C 188 -50.39 -39.99 17.55
CA ASN C 188 -51.47 -39.03 17.41
C ASN C 188 -51.07 -37.56 17.69
N SER C 189 -50.39 -37.38 18.79
CA SER C 189 -50.11 -36.07 19.39
C SER C 189 -48.72 -35.58 18.93
N TYR C 190 -48.70 -34.43 18.25
CA TYR C 190 -47.48 -33.75 17.80
C TYR C 190 -47.40 -32.32 18.40
N THR C 191 -46.30 -32.04 19.09
CA THR C 191 -46.16 -30.81 19.83
C THR C 191 -44.81 -30.12 19.55
N CYS C 192 -44.95 -28.83 19.32
CA CYS C 192 -43.86 -27.87 19.18
C CYS C 192 -43.81 -27.00 20.46
N GLU C 193 -42.68 -26.98 21.16
CA GLU C 193 -42.54 -26.21 22.41
C GLU C 193 -41.42 -25.16 22.37
N ALA C 194 -41.80 -23.88 22.50
CA ALA C 194 -40.85 -22.74 22.42
C ALA C 194 -40.47 -22.18 23.81
N THR C 195 -39.19 -22.19 24.14
CA THR C 195 -38.72 -21.55 25.37
C THR C 195 -37.96 -20.29 25.01
N HIS C 196 -38.54 -19.18 25.39
CA HIS C 196 -38.00 -17.86 25.09
C HIS C 196 -38.07 -17.01 26.38
N LYS C 197 -37.19 -16.04 26.57
CA LYS C 197 -37.29 -15.17 27.81
C LYS C 197 -38.57 -14.33 27.99
N THR C 198 -39.32 -14.09 26.93
CA THR C 198 -40.62 -13.40 26.99
C THR C 198 -41.72 -14.08 27.83
N SER C 199 -41.49 -15.33 28.25
CA SER C 199 -42.43 -16.04 29.14
C SER C 199 -41.70 -17.06 30.00
N THR C 200 -42.26 -17.36 31.17
CA THR C 200 -41.62 -18.30 32.09
C THR C 200 -41.98 -19.75 31.74
N SER C 201 -43.07 -19.92 31.01
CA SER C 201 -43.48 -21.23 30.59
C SER C 201 -43.43 -21.27 29.08
N PRO C 202 -43.18 -22.45 28.49
CA PRO C 202 -43.06 -22.66 27.05
C PRO C 202 -44.33 -22.27 26.30
N ILE C 203 -44.17 -21.81 25.06
CA ILE C 203 -45.32 -21.73 24.16
C ILE C 203 -45.43 -23.09 23.46
N VAL C 204 -46.62 -23.67 23.55
CA VAL C 204 -46.92 -24.99 23.03
C VAL C 204 -47.90 -24.88 21.85
N LYS C 205 -47.55 -25.49 20.72
CA LYS C 205 -48.54 -25.77 19.69
C LYS C 205 -48.55 -27.24 19.34
N SER C 206 -49.74 -27.85 19.48
CA SER C 206 -49.95 -29.23 19.15
C SER C 206 -51.10 -29.45 18.16
N PHE C 207 -51.15 -30.66 17.63
CA PHE C 207 -52.25 -31.13 16.83
C PHE C 207 -52.36 -32.66 17.03
N ASN C 208 -53.56 -33.14 16.84
CA ASN C 208 -53.81 -34.53 16.91
C ASN C 208 -54.02 -34.99 15.49
N ARG C 209 -53.25 -36.00 15.07
CA ARG C 209 -53.36 -36.62 13.74
C ARG C 209 -54.76 -37.13 13.44
N ASN C 210 -55.41 -37.66 14.48
CA ASN C 210 -56.76 -38.26 14.42
C ASN C 210 -57.92 -37.30 14.33
N GLU C 211 -57.99 -36.38 15.30
CA GLU C 211 -59.07 -35.41 15.40
C GLU C 211 -58.56 -34.29 14.53
N GLY D 1 -14.97 0.59 -14.00
CA GLY D 1 -13.65 0.38 -14.68
C GLY D 1 -12.81 -0.72 -13.99
N VAL D 2 -12.36 -0.41 -12.77
CA VAL D 2 -11.49 -1.26 -11.98
C VAL D 2 -12.27 -2.34 -11.21
N LYS D 3 -12.06 -3.59 -11.61
CA LYS D 3 -12.88 -4.69 -11.13
C LYS D 3 -12.23 -6.06 -11.25
N LEU D 4 -12.81 -6.99 -10.51
CA LEU D 4 -12.40 -8.35 -10.47
C LEU D 4 -13.62 -9.22 -10.77
N GLN D 5 -13.66 -9.87 -11.94
CA GLN D 5 -14.80 -10.73 -12.28
C GLN D 5 -14.54 -12.25 -12.05
N GLN D 6 -15.24 -12.79 -11.09
CA GLN D 6 -15.13 -14.19 -10.78
C GLN D 6 -16.08 -15.07 -11.61
N SER D 7 -15.60 -16.29 -11.84
CA SER D 7 -16.33 -17.30 -12.60
C SER D 7 -17.50 -17.81 -11.77
N GLY D 8 -18.48 -18.45 -12.43
CA GLY D 8 -19.72 -18.89 -11.81
C GLY D 8 -19.69 -19.95 -10.71
N PRO D 9 -20.87 -20.27 -10.16
CA PRO D 9 -20.93 -21.33 -9.11
C PRO D 9 -20.57 -22.76 -9.61
N GLU D 10 -19.89 -23.49 -8.76
CA GLU D 10 -19.41 -24.82 -9.09
C GLU D 10 -19.97 -25.86 -8.18
N VAL D 11 -20.48 -26.92 -8.78
CA VAL D 11 -20.86 -28.16 -8.11
C VAL D 11 -19.85 -29.22 -8.50
N VAL D 12 -19.09 -29.72 -7.54
CA VAL D 12 -18.13 -30.76 -7.84
C VAL D 12 -18.09 -31.94 -6.86
N LYS D 13 -17.72 -33.11 -7.38
CA LYS D 13 -17.71 -34.35 -6.63
C LYS D 13 -16.57 -34.31 -5.64
N PRO D 14 -16.72 -34.99 -4.48
CA PRO D 14 -15.61 -35.15 -3.58
C PRO D 14 -14.50 -36.02 -4.20
N GLY D 15 -13.26 -35.69 -3.90
CA GLY D 15 -12.10 -36.23 -4.58
C GLY D 15 -11.72 -35.53 -5.89
N ALA D 16 -12.68 -34.93 -6.58
CA ALA D 16 -12.37 -34.17 -7.80
C ALA D 16 -11.60 -32.85 -7.49
N SER D 17 -11.21 -32.16 -8.52
CA SER D 17 -10.49 -30.88 -8.43
C SER D 17 -11.38 -29.85 -9.06
N VAL D 18 -11.16 -28.62 -8.68
CA VAL D 18 -11.80 -27.48 -9.31
C VAL D 18 -10.80 -26.32 -9.47
N LYS D 19 -10.87 -25.69 -10.64
CA LYS D 19 -10.13 -24.47 -10.94
C LYS D 19 -11.13 -23.30 -11.19
N ILE D 20 -10.97 -22.20 -10.49
CA ILE D 20 -11.84 -21.02 -10.59
C ILE D 20 -11.09 -19.75 -11.02
N SER D 21 -11.79 -18.81 -11.64
CA SER D 21 -11.11 -17.68 -12.30
C SER D 21 -11.49 -16.30 -11.77
N CYS D 22 -10.58 -15.38 -11.93
CA CYS D 22 -10.67 -13.98 -11.52
C CYS D 22 -10.08 -13.09 -12.62
N LYS D 23 -10.96 -12.54 -13.43
CA LYS D 23 -10.61 -11.62 -14.50
C LYS D 23 -10.51 -10.18 -13.99
N ALA D 24 -9.33 -9.60 -14.15
CA ALA D 24 -9.05 -8.25 -13.67
C ALA D 24 -9.19 -7.26 -14.84
N SER D 25 -9.91 -6.16 -14.64
CA SER D 25 -9.88 -5.08 -15.61
C SER D 25 -9.70 -3.70 -15.01
N GLY D 26 -9.30 -2.77 -15.87
CA GLY D 26 -9.28 -1.33 -15.58
C GLY D 26 -8.09 -0.86 -14.80
N TYR D 27 -7.03 -1.65 -14.80
CA TYR D 27 -5.75 -1.31 -14.17
C TYR D 27 -4.68 -2.32 -14.71
N SER D 28 -3.40 -2.10 -14.37
CA SER D 28 -2.28 -2.89 -14.87
C SER D 28 -2.10 -4.15 -14.01
N PHE D 29 -2.69 -5.25 -14.46
CA PHE D 29 -2.80 -6.51 -13.71
C PHE D 29 -1.53 -6.90 -12.97
N THR D 30 -0.40 -6.90 -13.67
CA THR D 30 0.84 -7.48 -13.17
C THR D 30 1.62 -6.61 -12.20
N ASN D 31 1.11 -5.42 -11.89
CA ASN D 31 1.68 -4.58 -10.87
C ASN D 31 1.10 -4.76 -9.48
N PHE D 32 0.17 -5.69 -9.31
CA PHE D 32 -0.57 -5.80 -8.07
C PHE D 32 -0.74 -7.26 -7.68
N TYR D 33 -0.57 -7.50 -6.40
CA TYR D 33 -0.92 -8.72 -5.74
C TYR D 33 -2.42 -9.02 -5.82
N ILE D 34 -2.75 -10.24 -6.25
CA ILE D 34 -4.07 -10.81 -6.10
C ILE D 34 -3.98 -11.86 -4.98
N HIS D 35 -4.86 -11.70 -3.99
CA HIS D 35 -5.00 -12.62 -2.85
C HIS D 35 -6.25 -13.48 -3.04
N TRP D 36 -6.28 -14.66 -2.40
CA TRP D 36 -7.49 -15.46 -2.36
C TRP D 36 -7.90 -15.71 -0.96
N VAL D 37 -9.21 -15.71 -0.78
CA VAL D 37 -9.82 -15.80 0.52
C VAL D 37 -10.97 -16.80 0.52
N LYS D 38 -10.98 -17.67 1.54
CA LYS D 38 -12.04 -18.65 1.74
C LYS D 38 -12.99 -18.26 2.89
N GLN D 39 -14.28 -18.44 2.66
CA GLN D 39 -15.27 -18.30 3.71
C GLN D 39 -16.25 -19.49 3.71
N ARG D 40 -16.13 -20.35 4.69
CA ARG D 40 -17.11 -21.42 4.83
C ARG D 40 -18.44 -20.85 5.36
N PRO D 41 -19.55 -21.53 5.10
CA PRO D 41 -20.92 -21.04 5.42
C PRO D 41 -21.07 -20.75 6.92
N GLY D 42 -21.48 -19.53 7.24
CA GLY D 42 -21.54 -19.06 8.61
C GLY D 42 -20.26 -18.86 9.37
N GLN D 43 -19.13 -18.82 8.68
CA GLN D 43 -17.82 -18.72 9.33
C GLN D 43 -17.01 -17.54 8.85
N GLY D 44 -15.80 -17.45 9.35
CA GLY D 44 -14.93 -16.35 9.03
C GLY D 44 -14.19 -16.41 7.71
N LEU D 45 -13.18 -15.55 7.63
CA LEU D 45 -12.36 -15.32 6.44
C LEU D 45 -10.93 -15.86 6.65
N GLU D 46 -10.54 -16.78 5.77
CA GLU D 46 -9.17 -17.31 5.79
C GLU D 46 -8.41 -16.88 4.57
N TRP D 47 -7.25 -16.28 4.78
CA TRP D 47 -6.31 -16.04 3.70
C TRP D 47 -5.78 -17.39 3.11
N ILE D 48 -5.87 -17.54 1.78
CA ILE D 48 -5.34 -18.71 1.10
C ILE D 48 -3.93 -18.49 0.55
N GLY D 49 -3.75 -17.39 -0.17
CA GLY D 49 -2.48 -17.12 -0.78
C GLY D 49 -2.49 -15.91 -1.67
N TRP D 50 -1.30 -15.55 -2.17
CA TRP D 50 -1.19 -14.58 -3.25
C TRP D 50 -0.39 -15.02 -4.48
N ILE D 51 -0.57 -14.24 -5.52
CA ILE D 51 0.15 -14.33 -6.79
C ILE D 51 0.58 -12.91 -7.12
N PHE D 52 1.78 -12.78 -7.65
CA PHE D 52 2.27 -11.51 -8.17
C PHE D 52 2.93 -11.76 -9.53
N HIS D 53 2.39 -11.12 -10.56
CA HIS D 53 2.92 -11.08 -11.93
C HIS D 53 2.65 -12.43 -12.64
N GLY D 54 3.13 -13.55 -12.13
CA GLY D 54 2.68 -14.81 -12.69
C GLY D 54 2.83 -16.01 -11.81
N SER D 55 2.61 -17.17 -12.44
CA SER D 55 2.58 -18.46 -11.80
C SER D 55 3.79 -18.89 -11.00
N ASP D 56 4.95 -18.28 -11.29
CA ASP D 56 6.21 -18.60 -10.62
C ASP D 56 6.46 -17.71 -9.36
N ASN D 57 5.53 -16.82 -9.03
CA ASN D 57 5.70 -15.88 -7.91
C ASN D 57 4.45 -15.92 -6.96
N THR D 58 4.48 -16.84 -6.00
CA THR D 58 3.36 -17.09 -5.13
C THR D 58 3.73 -17.24 -3.64
N GLU D 59 2.73 -17.01 -2.79
CA GLU D 59 2.81 -17.34 -1.34
C GLU D 59 1.51 -17.92 -0.84
N TYR D 60 1.62 -19.00 -0.08
CA TYR D 60 0.50 -19.71 0.52
C TYR D 60 0.50 -19.70 2.05
N ASN D 61 -0.73 -19.71 2.57
CA ASN D 61 -1.06 -20.20 3.84
C ASN D 61 -0.64 -21.70 3.94
N GLU D 62 0.13 -22.01 5.00
CA GLU D 62 0.61 -23.36 5.30
C GLU D 62 -0.52 -24.38 5.33
N LYS D 63 -1.66 -23.94 5.87
CA LYS D 63 -2.90 -24.70 5.85
C LYS D 63 -3.38 -25.09 4.41
N PHE D 64 -3.08 -24.30 3.38
CA PHE D 64 -3.54 -24.60 2.03
C PHE D 64 -2.47 -25.04 1.04
N LYS D 65 -1.25 -25.32 1.52
CA LYS D 65 -0.14 -25.66 0.66
C LYS D 65 -0.34 -26.92 -0.19
N ASP D 66 -1.11 -27.87 0.31
CA ASP D 66 -1.38 -29.13 -0.40
C ASP D 66 -2.78 -29.16 -1.05
N LYS D 67 -3.44 -28.01 -1.05
CA LYS D 67 -4.83 -27.90 -1.43
C LYS D 67 -5.06 -26.91 -2.59
N ALA D 68 -4.40 -25.75 -2.51
CA ALA D 68 -4.51 -24.67 -3.47
C ALA D 68 -3.25 -24.52 -4.32
N THR D 69 -3.48 -24.23 -5.59
CA THR D 69 -2.46 -23.80 -6.51
C THR D 69 -2.95 -22.55 -7.29
N LEU D 70 -2.14 -21.49 -7.20
CA LEU D 70 -2.42 -20.20 -7.83
C LEU D 70 -1.63 -19.98 -9.11
N THR D 71 -2.36 -19.66 -10.16
CA THR D 71 -1.77 -19.34 -11.45
C THR D 71 -2.36 -18.05 -12.02
N ALA D 72 -1.66 -17.53 -13.01
CA ALA D 72 -2.09 -16.32 -13.65
C ALA D 72 -1.84 -16.47 -15.16
N ASP D 73 -2.65 -15.81 -15.97
CA ASP D 73 -2.49 -15.78 -17.42
C ASP D 73 -2.42 -14.30 -17.74
N THR D 74 -1.21 -13.79 -17.93
CA THR D 74 -1.01 -12.38 -18.29
C THR D 74 -1.72 -11.94 -19.58
N SER D 75 -1.84 -12.83 -20.58
CA SER D 75 -2.43 -12.46 -21.88
C SER D 75 -3.90 -11.99 -21.78
N SER D 76 -4.55 -12.39 -20.70
CA SER D 76 -5.94 -12.07 -20.48
C SER D 76 -6.20 -11.44 -19.09
N SER D 77 -5.15 -11.11 -18.35
CA SER D 77 -5.30 -10.51 -17.02
C SER D 77 -6.20 -11.36 -16.08
N THR D 78 -5.93 -12.65 -16.03
CA THR D 78 -6.73 -13.57 -15.22
C THR D 78 -5.89 -14.34 -14.25
N ALA D 79 -6.33 -14.33 -13.02
CA ALA D 79 -5.79 -15.17 -11.93
C ALA D 79 -6.62 -16.44 -11.83
N TYR D 80 -5.97 -17.55 -11.51
CA TYR D 80 -6.70 -18.78 -11.26
C TYR D 80 -6.36 -19.39 -9.88
N MET D 81 -7.32 -20.06 -9.25
CA MET D 81 -7.01 -20.93 -8.10
C MET D 81 -7.59 -22.34 -8.35
N GLN D 82 -6.71 -23.32 -8.39
CA GLN D 82 -7.09 -24.70 -8.32
C GLN D 82 -7.12 -25.23 -6.88
N LEU D 83 -8.17 -25.96 -6.57
CA LEU D 83 -8.33 -26.66 -5.31
C LEU D 83 -8.41 -28.13 -5.62
N SER D 84 -7.54 -28.93 -5.06
CA SER D 84 -7.53 -30.35 -5.39
C SER D 84 -8.07 -31.22 -4.26
N SER D 85 -8.55 -32.40 -4.64
CA SER D 85 -8.90 -33.46 -3.69
C SER D 85 -9.99 -32.97 -2.70
N LEU D 86 -11.16 -32.59 -3.24
CA LEU D 86 -12.17 -31.90 -2.45
C LEU D 86 -12.97 -32.79 -1.50
N THR D 87 -13.24 -32.21 -0.33
CA THR D 87 -14.16 -32.73 0.66
C THR D 87 -15.16 -31.62 1.00
N SER D 88 -16.12 -32.01 1.86
CA SER D 88 -17.15 -31.11 2.33
C SER D 88 -16.60 -29.89 3.13
N GLU D 89 -15.41 -29.99 3.73
CA GLU D 89 -14.79 -28.85 4.40
C GLU D 89 -14.30 -27.80 3.41
N ASP D 90 -14.25 -28.11 2.12
CA ASP D 90 -13.84 -27.15 1.10
C ASP D 90 -15.04 -26.44 0.48
N SER D 91 -16.25 -26.89 0.81
CA SER D 91 -17.46 -26.16 0.42
C SER D 91 -17.51 -24.77 1.10
N ALA D 92 -17.37 -23.70 0.30
CA ALA D 92 -17.15 -22.33 0.78
C ALA D 92 -17.41 -21.31 -0.34
N VAL D 93 -17.48 -20.04 0.02
CA VAL D 93 -17.34 -18.98 -0.98
C VAL D 93 -15.85 -18.70 -1.12
N TYR D 94 -15.38 -18.61 -2.34
CA TYR D 94 -14.02 -18.17 -2.56
C TYR D 94 -13.97 -16.79 -3.26
N PHE D 95 -13.27 -15.89 -2.61
CA PHE D 95 -13.03 -14.51 -3.04
C PHE D 95 -11.57 -14.31 -3.55
N CYS D 96 -11.42 -13.57 -4.64
CA CYS D 96 -10.17 -12.87 -4.96
C CYS D 96 -10.26 -11.37 -4.57
N ALA D 97 -9.13 -10.75 -4.29
CA ALA D 97 -9.08 -9.38 -3.85
C ALA D 97 -7.76 -8.78 -4.24
N ARG D 98 -7.78 -7.56 -4.77
CA ARG D 98 -6.54 -6.85 -5.00
C ARG D 98 -5.96 -6.29 -3.68
N TRP D 99 -4.64 -6.36 -3.56
CA TRP D 99 -3.91 -5.66 -2.52
C TRP D 99 -3.58 -4.29 -3.07
N GLY D 100 -4.25 -3.24 -2.59
CA GLY D 100 -4.18 -1.92 -3.21
C GLY D 100 -2.96 -1.08 -2.86
N PRO D 101 -2.84 0.12 -3.46
CA PRO D 101 -1.74 1.09 -3.25
C PRO D 101 -1.39 1.45 -1.79
N HIS D 102 -2.38 1.52 -0.89
CA HIS D 102 -2.12 1.81 0.52
C HIS D 102 -2.23 0.54 1.40
N TRP D 103 -2.09 -0.62 0.77
CA TRP D 103 -1.87 -1.95 1.42
C TRP D 103 -2.99 -2.53 2.25
N TYR D 104 -4.21 -2.46 1.71
CA TYR D 104 -5.35 -3.24 2.19
C TYR D 104 -6.04 -3.92 1.00
N PHE D 105 -6.99 -4.82 1.26
CA PHE D 105 -7.64 -5.53 0.19
C PHE D 105 -8.71 -4.56 -0.33
N ASP D 106 -8.40 -3.87 -1.41
CA ASP D 106 -9.19 -2.71 -1.80
C ASP D 106 -10.30 -3.02 -2.76
N VAL D 107 -10.12 -3.97 -3.65
CA VAL D 107 -11.16 -4.39 -4.55
C VAL D 107 -11.32 -5.89 -4.44
N TRP D 108 -12.60 -6.33 -4.36
CA TRP D 108 -12.94 -7.74 -4.19
C TRP D 108 -13.76 -8.18 -5.37
N GLY D 109 -13.51 -9.40 -5.84
CA GLY D 109 -14.54 -10.03 -6.63
C GLY D 109 -15.79 -10.40 -5.82
N GLN D 110 -16.83 -10.75 -6.56
CA GLN D 110 -18.12 -11.11 -5.99
C GLN D 110 -18.13 -12.46 -5.19
N GLY D 111 -17.16 -13.34 -5.42
CA GLY D 111 -17.20 -14.69 -4.85
C GLY D 111 -17.76 -15.74 -5.80
N THR D 112 -17.23 -16.92 -5.65
CA THR D 112 -17.64 -18.10 -6.37
C THR D 112 -17.96 -19.13 -5.28
N THR D 113 -19.16 -19.65 -5.35
CA THR D 113 -19.59 -20.73 -4.50
C THR D 113 -19.09 -22.08 -5.06
N VAL D 114 -18.33 -22.80 -4.22
CA VAL D 114 -17.98 -24.20 -4.46
C VAL D 114 -18.75 -25.18 -3.52
N THR D 115 -19.72 -25.86 -4.06
CA THR D 115 -20.38 -26.94 -3.38
C THR D 115 -19.70 -28.28 -3.77
N VAL D 116 -19.13 -28.94 -2.76
CA VAL D 116 -18.65 -30.30 -2.86
C VAL D 116 -19.72 -31.34 -2.47
N SER D 117 -20.17 -32.14 -3.44
CA SER D 117 -21.21 -33.14 -3.21
C SER D 117 -21.41 -34.09 -4.41
N SER D 118 -21.98 -35.28 -4.13
CA SER D 118 -22.17 -36.33 -5.16
C SER D 118 -23.55 -36.27 -5.79
N ALA D 119 -24.41 -35.41 -5.27
CA ALA D 119 -25.77 -35.39 -5.73
C ALA D 119 -25.87 -34.91 -7.15
N LYS D 120 -27.03 -35.20 -7.71
CA LYS D 120 -27.40 -34.89 -9.07
C LYS D 120 -28.53 -33.84 -9.08
N THR D 121 -28.80 -33.28 -10.24
CA THR D 121 -29.79 -32.23 -10.40
C THR D 121 -31.22 -32.76 -10.22
N THR D 122 -31.79 -32.47 -9.06
CA THR D 122 -33.07 -33.01 -8.63
C THR D 122 -34.06 -31.86 -8.46
N PRO D 123 -35.24 -31.94 -9.07
CA PRO D 123 -36.23 -30.92 -8.78
C PRO D 123 -36.83 -31.11 -7.37
N PRO D 124 -37.41 -30.04 -6.80
CA PRO D 124 -38.03 -30.20 -5.50
C PRO D 124 -39.40 -30.86 -5.54
N SER D 125 -39.75 -31.53 -4.46
CA SER D 125 -41.16 -31.73 -4.18
C SER D 125 -41.59 -30.50 -3.39
N VAL D 126 -42.74 -29.96 -3.76
CA VAL D 126 -43.28 -28.79 -3.13
C VAL D 126 -44.53 -29.22 -2.39
N TYR D 127 -44.55 -28.90 -1.09
CA TYR D 127 -45.68 -29.31 -0.25
C TYR D 127 -46.33 -28.11 0.41
N PRO D 128 -47.67 -28.02 0.33
CA PRO D 128 -48.45 -26.96 0.97
C PRO D 128 -48.59 -27.24 2.47
N LEU D 129 -48.37 -26.24 3.29
CA LEU D 129 -48.56 -26.35 4.72
C LEU D 129 -49.83 -25.55 5.10
N ALA D 130 -50.87 -26.30 5.41
CA ALA D 130 -52.16 -25.74 5.74
C ALA D 130 -52.39 -25.95 7.21
N PRO D 131 -52.87 -24.92 7.88
CA PRO D 131 -52.91 -24.97 9.34
C PRO D 131 -53.74 -26.17 9.84
N ASN D 133 -57.21 -21.72 11.25
CA ASN D 133 -58.15 -21.06 12.16
C ASN D 133 -57.72 -19.65 12.62
N SER D 134 -58.66 -18.95 13.26
CA SER D 134 -58.51 -17.57 13.83
C SER D 134 -57.72 -16.42 13.16
N MET D 135 -56.53 -16.70 12.58
CA MET D 135 -55.80 -15.64 11.83
C MET D 135 -54.59 -16.00 10.96
N VAL D 136 -54.35 -17.29 10.75
CA VAL D 136 -53.84 -17.80 9.46
C VAL D 136 -52.38 -17.53 9.07
N THR D 137 -51.50 -18.45 9.48
CA THR D 137 -50.20 -18.63 8.87
C THR D 137 -50.22 -19.84 7.94
N LEU D 138 -49.66 -19.68 6.74
CA LEU D 138 -49.51 -20.76 5.83
C LEU D 138 -48.04 -20.96 5.51
N GLY D 139 -47.78 -22.11 4.88
CA GLY D 139 -46.45 -22.44 4.53
C GLY D 139 -46.39 -23.25 3.28
N CYS D 140 -45.14 -23.47 2.88
CA CYS D 140 -44.78 -24.21 1.71
C CYS D 140 -43.46 -24.94 2.05
N LEU D 141 -43.43 -26.26 1.91
CA LEU D 141 -42.22 -27.04 2.13
C LEU D 141 -41.58 -27.42 0.78
N VAL D 142 -40.32 -27.05 0.58
CA VAL D 142 -39.64 -27.32 -0.67
C VAL D 142 -38.50 -28.30 -0.42
N LYS D 143 -38.73 -29.55 -0.79
CA LYS D 143 -38.01 -30.70 -0.23
C LYS D 143 -37.26 -31.57 -1.27
N GLY D 144 -36.01 -31.87 -0.97
CA GLY D 144 -35.20 -32.79 -1.78
C GLY D 144 -34.84 -32.25 -3.13
N TYR D 145 -34.27 -31.06 -3.20
CA TYR D 145 -33.79 -30.46 -4.44
C TYR D 145 -32.27 -30.34 -4.40
N PHE D 146 -31.71 -30.17 -5.60
CA PHE D 146 -30.26 -29.96 -5.79
C PHE D 146 -29.97 -29.52 -7.23
N PRO D 147 -29.08 -28.52 -7.41
CA PRO D 147 -28.39 -27.75 -6.37
C PRO D 147 -29.27 -26.58 -5.86
N GLU D 148 -28.75 -25.80 -4.91
CA GLU D 148 -29.19 -24.41 -4.67
C GLU D 148 -29.02 -23.61 -5.99
N PRO D 149 -29.84 -22.59 -6.21
CA PRO D 149 -30.89 -22.06 -5.36
C PRO D 149 -32.25 -22.53 -5.77
N VAL D 150 -33.26 -22.14 -4.99
CA VAL D 150 -34.65 -22.07 -5.46
C VAL D 150 -35.17 -20.66 -5.25
N THR D 151 -36.27 -20.35 -5.90
CA THR D 151 -36.92 -19.06 -5.77
C THR D 151 -38.36 -19.28 -5.27
N VAL D 152 -38.72 -18.66 -4.14
CA VAL D 152 -40.09 -18.74 -3.59
C VAL D 152 -40.88 -17.39 -3.55
N THR D 153 -42.06 -17.35 -4.15
CA THR D 153 -42.97 -16.21 -4.07
C THR D 153 -44.38 -16.66 -3.65
N TRP D 154 -45.21 -15.70 -3.28
CA TRP D 154 -46.58 -15.95 -2.90
C TRP D 154 -47.55 -15.14 -3.75
N ASN D 155 -48.58 -15.83 -4.27
CA ASN D 155 -49.52 -15.24 -5.21
C ASN D 155 -48.88 -14.44 -6.34
N SER D 156 -47.70 -14.90 -6.78
CA SER D 156 -46.90 -14.31 -7.88
C SER D 156 -46.21 -13.01 -7.49
N GLY D 157 -45.98 -12.83 -6.19
CA GLY D 157 -45.36 -11.62 -5.67
C GLY D 157 -46.37 -10.63 -5.10
N SER D 158 -47.66 -10.80 -5.39
CA SER D 158 -48.75 -10.04 -4.74
C SER D 158 -48.59 -10.00 -3.21
N LEU D 159 -48.19 -11.13 -2.62
CA LEU D 159 -47.98 -11.24 -1.18
C LEU D 159 -46.51 -11.15 -0.92
N SER D 160 -46.13 -10.19 -0.08
CA SER D 160 -44.74 -9.78 0.08
C SER D 160 -44.48 -9.51 1.57
N SER D 161 -45.40 -8.78 2.20
CA SER D 161 -45.37 -8.54 3.64
C SER D 161 -45.78 -9.83 4.39
N GLY D 162 -45.19 -10.08 5.56
CA GLY D 162 -45.53 -11.27 6.34
C GLY D 162 -45.00 -12.58 5.73
N VAL D 163 -43.97 -12.48 4.90
CA VAL D 163 -43.34 -13.62 4.27
C VAL D 163 -42.00 -13.86 4.96
N HIS D 164 -41.74 -15.11 5.35
CA HIS D 164 -40.42 -15.51 5.80
C HIS D 164 -39.97 -16.71 4.98
N THR D 165 -38.87 -16.54 4.24
CA THR D 165 -38.25 -17.63 3.55
C THR D 165 -36.99 -18.00 4.31
N PHE D 166 -36.97 -19.23 4.77
CA PHE D 166 -35.90 -19.71 5.59
C PHE D 166 -34.77 -20.28 4.74
N PRO D 167 -33.51 -20.14 5.22
CA PRO D 167 -32.35 -20.75 4.52
C PRO D 167 -32.44 -22.29 4.42
N ALA D 168 -32.03 -22.84 3.27
CA ALA D 168 -31.98 -24.30 3.07
C ALA D 168 -31.09 -25.01 4.08
N VAL D 169 -31.55 -26.17 4.52
CA VAL D 169 -30.76 -27.09 5.27
C VAL D 169 -30.48 -28.30 4.39
N LEU D 170 -29.48 -29.07 4.79
CA LEU D 170 -29.02 -30.25 4.05
C LEU D 170 -29.67 -31.45 4.73
N GLN D 171 -30.35 -32.25 3.94
CA GLN D 171 -31.14 -33.38 4.41
C GLN D 171 -30.92 -34.53 3.39
N SER D 172 -30.28 -35.61 3.82
CA SER D 172 -29.93 -36.76 2.94
C SER D 172 -29.24 -36.32 1.63
N ASP D 173 -28.22 -35.46 1.76
CA ASP D 173 -27.53 -34.79 0.63
C ASP D 173 -28.41 -34.02 -0.36
N LEU D 174 -29.61 -33.65 0.06
CA LEU D 174 -30.44 -32.77 -0.73
C LEU D 174 -30.81 -31.59 0.15
N TYR D 175 -31.29 -30.54 -0.46
CA TYR D 175 -31.65 -29.37 0.31
C TYR D 175 -33.16 -29.36 0.60
N THR D 176 -33.49 -28.93 1.81
CA THR D 176 -34.85 -28.59 2.15
C THR D 176 -34.95 -27.14 2.73
N LEU D 177 -36.06 -26.51 2.38
CA LEU D 177 -36.29 -25.11 2.70
C LEU D 177 -37.79 -24.95 2.98
N SER D 178 -38.15 -23.91 3.69
CA SER D 178 -39.54 -23.66 4.01
C SER D 178 -39.80 -22.17 3.90
N SER D 179 -41.06 -21.82 3.74
CA SER D 179 -41.47 -20.45 3.62
C SER D 179 -42.83 -20.28 4.27
N SER D 180 -42.92 -19.28 5.13
CA SER D 180 -44.21 -18.93 5.67
C SER D 180 -44.76 -17.66 5.07
N VAL D 181 -46.09 -17.63 5.00
CA VAL D 181 -46.83 -16.39 4.72
C VAL D 181 -47.99 -16.27 5.75
N THR D 182 -48.14 -15.06 6.29
CA THR D 182 -49.25 -14.71 7.20
C THR D 182 -50.23 -13.75 6.54
N VAL D 183 -51.51 -14.07 6.63
CA VAL D 183 -52.55 -13.31 5.97
C VAL D 183 -53.79 -13.15 6.87
N PRO D 184 -54.60 -12.12 6.60
CA PRO D 184 -55.89 -12.10 7.32
C PRO D 184 -56.70 -13.35 7.01
N SER D 185 -57.49 -13.79 7.98
CA SER D 185 -58.31 -14.99 7.83
C SER D 185 -59.64 -14.69 7.07
N SER D 186 -59.97 -13.41 6.90
CA SER D 186 -60.98 -12.99 5.90
C SER D 186 -60.48 -13.33 4.47
N THR D 187 -59.17 -13.43 4.31
CA THR D 187 -58.52 -13.67 3.03
C THR D 187 -58.30 -15.15 2.71
N TRP D 188 -57.88 -15.96 3.67
CA TRP D 188 -57.67 -17.37 3.40
C TRP D 188 -58.52 -18.15 4.36
N PRO D 189 -59.17 -19.23 3.90
CA PRO D 189 -59.22 -19.84 2.58
C PRO D 189 -60.32 -19.39 1.58
N SER D 190 -60.99 -18.26 1.80
CA SER D 190 -62.07 -17.85 0.90
C SER D 190 -61.52 -17.33 -0.43
N GLU D 191 -60.29 -16.79 -0.39
CA GLU D 191 -59.52 -16.45 -1.58
C GLU D 191 -58.35 -17.41 -1.68
N THR D 192 -57.64 -17.34 -2.81
CA THR D 192 -56.61 -18.32 -3.14
C THR D 192 -55.22 -17.87 -2.77
N VAL D 193 -54.51 -18.75 -2.09
CA VAL D 193 -53.11 -18.51 -1.68
C VAL D 193 -52.23 -19.59 -2.29
N THR D 194 -51.16 -19.15 -2.94
CA THR D 194 -50.33 -20.03 -3.78
C THR D 194 -48.87 -19.71 -3.62
N CYS D 195 -48.07 -20.70 -3.21
CA CYS D 195 -46.62 -20.55 -3.33
C CYS D 195 -46.19 -20.98 -4.73
N ASN D 196 -45.33 -20.17 -5.32
CA ASN D 196 -44.71 -20.41 -6.61
C ASN D 196 -43.27 -20.72 -6.35
N VAL D 197 -42.81 -21.87 -6.83
CA VAL D 197 -41.44 -22.32 -6.58
C VAL D 197 -40.72 -22.52 -7.93
N ALA D 198 -39.52 -22.01 -8.02
CA ALA D 198 -38.73 -22.11 -9.23
C ALA D 198 -37.38 -22.70 -8.86
N HIS D 199 -36.93 -23.62 -9.69
CA HIS D 199 -35.62 -24.23 -9.59
C HIS D 199 -35.00 -24.21 -11.01
N PRO D 200 -34.23 -23.15 -11.33
CA PRO D 200 -33.60 -23.00 -12.64
C PRO D 200 -32.83 -24.23 -13.11
N ALA D 201 -31.94 -24.74 -12.24
CA ALA D 201 -31.14 -25.94 -12.53
C ALA D 201 -31.89 -27.06 -13.28
N SER D 202 -33.12 -27.37 -12.84
CA SER D 202 -33.96 -28.38 -13.50
C SER D 202 -35.05 -27.79 -14.40
N SER D 203 -34.97 -26.49 -14.67
CA SER D 203 -35.98 -25.82 -15.51
C SER D 203 -37.41 -26.09 -15.00
N THR D 204 -37.54 -26.21 -13.68
CA THR D 204 -38.83 -26.47 -13.06
C THR D 204 -39.42 -25.22 -12.40
N LYS D 205 -40.69 -24.98 -12.69
CA LYS D 205 -41.49 -23.97 -12.03
C LYS D 205 -42.76 -24.66 -11.55
N VAL D 206 -43.18 -24.41 -10.31
CA VAL D 206 -44.40 -25.05 -9.79
C VAL D 206 -45.24 -24.11 -8.94
N ASP D 207 -46.55 -24.27 -9.05
CA ASP D 207 -47.53 -23.48 -8.33
C ASP D 207 -48.33 -24.47 -7.52
N LYS D 208 -48.31 -24.30 -6.20
CA LYS D 208 -49.08 -25.16 -5.30
C LYS D 208 -50.06 -24.30 -4.51
N LYS D 209 -51.33 -24.45 -4.81
CA LYS D 209 -52.38 -23.83 -4.01
C LYS D 209 -52.39 -24.41 -2.58
N ILE D 210 -52.47 -23.54 -1.57
CA ILE D 210 -52.66 -24.00 -0.20
C ILE D 210 -54.19 -24.25 0.03
N ALA D 211 -54.57 -25.53 0.09
CA ALA D 211 -55.98 -25.91 0.30
C ALA D 211 -56.22 -26.19 1.79
N ALA D 212 -57.46 -26.05 2.23
CA ALA D 212 -57.79 -26.39 3.62
C ALA D 212 -57.85 -27.93 3.84
N ALA D 213 -57.14 -28.39 4.87
CA ALA D 213 -57.15 -29.81 5.30
C ALA D 213 -58.54 -30.25 5.77
N SER E 2 43.78 3.67 -22.68
CA SER E 2 43.99 4.34 -24.01
C SER E 2 43.13 5.62 -24.12
N LEU E 3 41.95 5.60 -23.49
CA LEU E 3 41.16 6.82 -23.33
C LEU E 3 41.86 7.77 -22.35
N ARG E 4 41.78 9.07 -22.65
CA ARG E 4 42.34 10.10 -21.79
C ARG E 4 41.30 11.14 -21.46
N CYS E 5 41.23 11.49 -20.18
CA CYS E 5 40.22 12.44 -19.69
C CYS E 5 40.86 13.58 -18.93
N MET E 6 40.20 14.73 -18.97
CA MET E 6 40.49 15.78 -18.00
C MET E 6 40.18 15.28 -16.60
N GLN E 7 41.06 15.68 -15.68
CA GLN E 7 40.88 15.40 -14.27
C GLN E 7 41.01 16.69 -13.48
N CYS E 8 39.88 17.24 -13.07
CA CYS E 8 39.81 18.52 -12.40
C CYS E 8 39.20 18.40 -11.02
N LYS E 9 39.91 18.90 -10.00
CA LYS E 9 39.32 19.14 -8.70
C LYS E 9 38.55 20.47 -8.80
N THR E 10 37.51 20.53 -7.77
CA THR E 10 36.72 21.79 -7.71
C THR E 10 37.58 23.09 -7.58
N ASN E 11 38.81 22.98 -7.07
CA ASN E 11 39.70 24.15 -6.93
C ASN E 11 40.23 24.68 -8.28
N GLY E 12 40.07 23.88 -9.34
CA GLY E 12 40.36 24.26 -10.73
C GLY E 12 41.73 23.76 -11.15
N ASP E 13 42.31 22.88 -10.31
CA ASP E 13 43.58 22.28 -10.67
C ASP E 13 43.18 21.11 -11.58
N CYS E 14 43.62 21.20 -12.86
CA CYS E 14 43.24 20.21 -13.89
C CYS E 14 44.50 19.61 -14.47
N ARG E 15 44.38 18.40 -15.01
CA ARG E 15 45.43 17.74 -15.76
C ARG E 15 44.83 16.62 -16.58
N VAL E 16 45.60 16.08 -17.51
CA VAL E 16 45.17 14.91 -18.27
C VAL E 16 45.41 13.66 -17.42
N GLU E 17 44.53 12.69 -17.58
CA GLU E 17 44.58 11.43 -16.85
C GLU E 17 44.42 10.27 -17.82
N GLU E 18 45.39 9.33 -17.78
CA GLU E 18 45.24 8.09 -18.52
C GLU E 18 44.25 7.24 -17.70
N CYS E 19 43.18 6.81 -18.35
CA CYS E 19 42.19 5.96 -17.68
C CYS E 19 42.73 4.56 -17.44
N ALA E 20 42.52 4.03 -16.24
CA ALA E 20 42.82 2.63 -15.94
C ALA E 20 41.90 1.67 -16.75
N LEU E 21 42.26 0.39 -16.77
CA LEU E 21 41.44 -0.62 -17.42
C LEU E 21 40.10 -0.71 -16.70
N GLY E 22 39.01 -0.73 -17.45
CA GLY E 22 37.67 -0.72 -16.87
C GLY E 22 37.04 0.65 -16.68
N GLN E 23 37.83 1.70 -16.89
CA GLN E 23 37.31 3.06 -16.97
C GLN E 23 37.42 3.52 -18.42
N ASP E 24 36.33 3.42 -19.18
CA ASP E 24 36.33 3.89 -20.57
C ASP E 24 35.24 4.91 -20.91
N LEU E 25 34.94 5.77 -19.95
CA LEU E 25 34.17 7.01 -20.18
C LEU E 25 34.91 8.16 -19.49
N CYS E 26 34.57 9.39 -19.84
CA CYS E 26 35.03 10.58 -19.14
C CYS E 26 33.77 11.22 -18.55
N ARG E 27 33.89 11.85 -17.36
CA ARG E 27 32.80 12.57 -16.77
C ARG E 27 33.12 14.02 -16.40
N THR E 28 32.11 14.88 -16.59
CA THR E 28 32.06 16.20 -16.00
C THR E 28 30.89 16.17 -15.05
N THR E 29 31.12 16.67 -13.84
CA THR E 29 30.05 16.68 -12.84
C THR E 29 29.83 18.12 -12.38
N ILE E 30 28.57 18.56 -12.32
CA ILE E 30 28.29 19.95 -11.96
C ILE E 30 27.29 20.11 -10.83
N VAL E 31 27.69 20.91 -9.84
CA VAL E 31 26.84 21.30 -8.72
C VAL E 31 26.64 22.82 -8.72
N ARG E 32 25.40 23.25 -8.80
CA ARG E 32 25.02 24.64 -8.61
C ARG E 32 24.29 24.81 -7.29
N LEU E 33 24.83 25.68 -6.43
CA LEU E 33 24.21 26.04 -5.17
C LEU E 33 23.64 27.47 -5.27
N TRP E 34 22.32 27.58 -5.38
CA TRP E 34 21.59 28.83 -5.58
C TRP E 34 20.80 29.20 -4.31
N GLU E 35 20.89 30.46 -3.87
CA GLU E 35 20.24 30.94 -2.65
C GLU E 35 20.07 32.44 -2.76
N GLU E 36 18.83 32.92 -2.81
CA GLU E 36 18.55 34.34 -3.04
C GLU E 36 19.45 34.82 -4.20
N GLY E 37 20.21 35.89 -4.02
CA GLY E 37 21.18 36.33 -5.03
C GLY E 37 22.61 35.85 -4.79
N GLU E 38 22.77 34.56 -4.53
CA GLU E 38 24.10 33.92 -4.41
C GLU E 38 24.12 32.60 -5.17
N GLU E 39 24.97 32.51 -6.19
CA GLU E 39 25.31 31.25 -6.86
C GLU E 39 26.73 30.80 -6.50
N LEU E 40 26.89 29.49 -6.27
CA LEU E 40 28.20 28.86 -6.22
C LEU E 40 28.17 27.68 -7.20
N GLU E 41 29.07 27.69 -8.18
CA GLU E 41 29.22 26.60 -9.15
C GLU E 41 30.46 25.78 -8.84
N LEU E 42 30.28 24.46 -8.74
CA LEU E 42 31.33 23.50 -8.49
C LEU E 42 31.38 22.56 -9.70
N VAL E 43 32.59 22.32 -10.22
CA VAL E 43 32.80 21.47 -11.40
C VAL E 43 33.91 20.48 -11.08
N GLU E 44 33.71 19.21 -11.45
CA GLU E 44 34.70 18.13 -11.16
C GLU E 44 34.79 17.22 -12.40
N LYS E 45 35.99 16.75 -12.74
CA LYS E 45 36.20 15.96 -13.96
C LYS E 45 37.12 14.79 -13.70
N SER E 46 36.74 13.59 -14.29
CA SER E 46 37.75 12.49 -14.33
C SER E 46 37.43 11.38 -15.34
N CYS E 47 38.26 10.32 -15.32
CA CYS E 47 37.88 9.06 -15.96
C CYS E 47 36.87 8.40 -15.02
N THR E 48 35.92 7.68 -15.62
CA THR E 48 34.90 6.99 -14.88
C THR E 48 34.53 5.69 -15.57
N HIS E 49 33.71 4.91 -14.86
CA HIS E 49 33.31 3.58 -15.27
C HIS E 49 32.35 3.59 -16.46
N SER E 50 32.33 2.45 -17.14
CA SER E 50 31.57 2.25 -18.38
C SER E 50 30.07 2.44 -18.21
N GLU E 51 29.57 2.15 -17.01
CA GLU E 51 28.14 2.14 -16.71
C GLU E 51 27.46 3.51 -16.54
N LYS E 52 28.25 4.59 -16.51
CA LYS E 52 27.71 5.93 -16.25
C LYS E 52 26.80 6.45 -17.36
N THR E 53 25.89 7.33 -16.99
CA THR E 53 24.92 7.93 -17.91
C THR E 53 24.77 9.43 -17.65
N ASN E 54 24.18 10.14 -18.61
CA ASN E 54 23.80 11.53 -18.40
C ASN E 54 22.64 11.60 -17.42
N ARG E 55 22.79 12.45 -16.41
CA ARG E 55 21.84 12.49 -15.32
C ARG E 55 21.78 13.85 -14.68
N THR E 56 20.63 14.15 -14.09
CA THR E 56 20.43 15.40 -13.40
C THR E 56 19.47 15.20 -12.23
N LEU E 57 19.63 16.02 -11.21
CA LEU E 57 18.79 16.07 -10.04
C LEU E 57 18.81 17.50 -9.51
N SER E 58 17.61 18.06 -9.27
CA SER E 58 17.42 19.39 -8.73
C SER E 58 16.39 19.29 -7.61
N TYR E 59 16.67 19.93 -6.48
CA TYR E 59 15.73 19.96 -5.38
C TYR E 59 15.84 21.23 -4.56
N ARG E 60 14.70 21.74 -4.07
CA ARG E 60 14.76 22.86 -3.15
C ARG E 60 14.64 22.43 -1.71
N THR E 61 15.34 23.18 -0.86
CA THR E 61 15.64 22.79 0.50
C THR E 61 15.67 24.11 1.26
N GLY E 62 14.49 24.55 1.70
CA GLY E 62 14.32 25.87 2.31
C GLY E 62 14.36 26.97 1.25
N LEU E 63 15.21 27.97 1.46
CA LEU E 63 15.42 29.03 0.48
C LEU E 63 16.52 28.65 -0.54
N LYS E 64 17.08 27.45 -0.37
CA LYS E 64 18.16 26.96 -1.23
C LYS E 64 17.63 26.11 -2.37
N ILE E 65 18.28 26.21 -3.52
CA ILE E 65 18.11 25.25 -4.61
C ILE E 65 19.47 24.65 -4.97
N THR E 66 19.49 23.35 -5.18
CA THR E 66 20.69 22.61 -5.51
C THR E 66 20.41 21.79 -6.75
N SER E 67 21.37 21.83 -7.69
CA SER E 67 21.25 21.15 -8.97
C SER E 67 22.51 20.36 -9.27
N LEU E 68 22.34 19.06 -9.51
CA LEU E 68 23.45 18.19 -9.90
C LEU E 68 23.26 17.79 -11.36
N THR E 69 24.36 17.77 -12.12
CA THR E 69 24.31 17.19 -13.44
C THR E 69 25.63 16.47 -13.72
N GLU E 70 25.54 15.33 -14.38
CA GLU E 70 26.71 14.61 -14.79
C GLU E 70 26.52 14.27 -16.26
N VAL E 71 27.58 14.49 -17.03
CA VAL E 71 27.62 14.25 -18.46
C VAL E 71 28.88 13.43 -18.72
N VAL E 72 28.75 12.45 -19.60
CA VAL E 72 29.75 11.43 -19.76
C VAL E 72 29.93 11.22 -21.27
N CYS E 73 31.14 10.87 -21.67
CA CYS E 73 31.41 10.63 -23.08
C CYS E 73 32.67 9.78 -23.24
N GLY E 74 32.86 9.18 -24.40
CA GLY E 74 33.96 8.23 -24.57
C GLY E 74 34.96 8.46 -25.67
N LEU E 75 35.08 9.70 -26.17
CA LEU E 75 35.90 9.99 -27.37
C LEU E 75 37.38 10.42 -27.22
N ASP E 76 37.74 11.06 -26.12
CA ASP E 76 39.17 11.49 -25.83
C ASP E 76 39.34 12.99 -25.54
N LEU E 77 39.68 13.27 -24.28
CA LEU E 77 39.52 14.58 -23.65
C LEU E 77 38.15 15.22 -23.95
N CYS E 78 37.10 14.40 -24.01
CA CYS E 78 35.78 14.85 -24.43
C CYS E 78 35.12 15.75 -23.39
N ASN E 79 35.50 15.53 -22.12
CA ASN E 79 35.09 16.35 -20.99
C ASN E 79 35.87 17.68 -20.80
N GLN E 80 36.72 18.07 -21.75
CA GLN E 80 37.56 19.26 -21.56
C GLN E 80 36.84 20.59 -21.82
N GLY E 81 35.64 20.55 -22.41
CA GLY E 81 34.82 21.74 -22.63
C GLY E 81 33.63 21.80 -21.71
N ASN E 82 32.62 22.58 -22.09
CA ASN E 82 31.34 22.64 -21.36
C ASN E 82 30.29 23.49 -22.07
N TYR E 89 21.86 26.75 -22.06
CA TYR E 89 20.40 26.52 -22.01
C TYR E 89 19.75 27.47 -20.98
N SER E 90 18.69 27.01 -20.32
CA SER E 90 18.08 27.69 -19.16
C SER E 90 17.17 28.85 -19.58
N ARG E 91 15.93 28.49 -19.91
CA ARG E 91 14.98 29.43 -20.52
C ARG E 91 13.61 29.42 -19.80
N SER E 92 12.83 28.36 -19.97
CA SER E 92 11.45 28.30 -19.54
C SER E 92 11.24 27.17 -18.51
N ARG E 93 10.01 26.96 -18.08
CA ARG E 93 9.71 26.02 -17.02
C ARG E 93 8.65 25.02 -17.50
N TYR E 94 8.90 23.74 -17.24
CA TYR E 94 8.10 22.68 -17.81
C TYR E 94 7.30 21.94 -16.73
N LEU E 95 7.70 20.72 -16.40
CA LEU E 95 6.97 19.89 -15.43
C LEU E 95 7.16 20.35 -13.98
N GLU E 96 6.06 20.52 -13.27
CA GLU E 96 6.08 20.93 -11.87
C GLU E 96 6.18 19.72 -10.96
N CYS E 97 7.04 19.78 -9.95
CA CYS E 97 7.29 18.64 -9.07
C CYS E 97 7.35 19.10 -7.63
N ILE E 98 6.99 18.21 -6.71
CA ILE E 98 7.22 18.41 -5.27
C ILE E 98 8.73 18.27 -5.00
N SER E 99 9.25 19.10 -4.11
CA SER E 99 10.65 19.02 -3.74
C SER E 99 10.88 19.24 -2.26
N CYS E 100 11.89 18.53 -1.75
CA CYS E 100 12.34 18.61 -0.36
C CYS E 100 13.69 17.89 -0.27
N GLY E 101 14.26 17.81 0.92
CA GLY E 101 15.54 17.13 1.09
C GLY E 101 15.93 17.00 2.55
N SER E 102 16.61 15.91 2.88
CA SER E 102 16.86 15.59 4.28
C SER E 102 17.96 16.44 4.97
N SER E 103 18.70 17.23 4.21
CA SER E 103 19.85 17.96 4.78
C SER E 103 19.40 19.10 5.71
N ASP E 104 18.21 19.66 5.46
CA ASP E 104 17.58 20.61 6.41
C ASP E 104 16.30 20.06 7.06
N MET E 105 16.16 18.73 7.10
CA MET E 105 14.99 18.05 7.65
C MET E 105 13.68 18.35 6.91
N SER E 106 13.77 19.03 5.77
CA SER E 106 12.58 19.50 5.02
C SER E 106 11.59 18.39 4.63
N CYS E 107 12.10 17.27 4.13
CA CYS E 107 11.28 16.12 3.82
C CYS E 107 10.59 15.54 5.05
N GLU E 108 11.43 15.13 5.99
CA GLU E 108 11.00 14.51 7.25
C GLU E 108 9.92 15.31 7.98
N ARG E 109 10.02 16.64 7.89
CA ARG E 109 9.11 17.55 8.58
C ARG E 109 7.93 17.99 7.75
N GLY E 110 7.81 17.48 6.53
CA GLY E 110 6.71 17.82 5.64
C GLY E 110 6.78 19.21 5.03
N ARG E 111 7.90 19.89 5.14
CA ARG E 111 8.03 21.22 4.54
C ARG E 111 8.42 21.09 3.07
N HIS E 112 7.50 20.52 2.30
CA HIS E 112 7.74 20.25 0.90
C HIS E 112 7.40 21.51 0.11
N GLN E 113 8.11 21.71 -0.98
CA GLN E 113 7.93 22.88 -1.83
C GLN E 113 7.78 22.42 -3.27
N SER E 114 7.40 23.34 -4.14
CA SER E 114 7.19 23.02 -5.52
C SER E 114 8.33 23.63 -6.36
N LEU E 115 8.70 22.92 -7.42
CA LEU E 115 9.84 23.26 -8.25
C LEU E 115 9.43 22.92 -9.66
N GLN E 116 9.80 23.75 -10.61
CA GLN E 116 9.55 23.45 -11.99
C GLN E 116 10.87 23.02 -12.61
N CYS E 117 10.84 21.91 -13.35
CA CYS E 117 11.97 21.42 -14.10
C CYS E 117 12.32 22.37 -15.25
N ARG E 118 13.55 22.25 -15.77
CA ARG E 118 14.11 23.20 -16.76
C ARG E 118 14.24 22.67 -18.17
N SER E 119 14.34 21.35 -18.29
CA SER E 119 14.24 20.69 -19.58
C SER E 119 12.95 19.90 -19.59
N PRO E 120 12.34 19.74 -20.76
CA PRO E 120 11.20 18.83 -20.86
C PRO E 120 11.60 17.35 -20.67
N GLU E 121 12.89 17.05 -20.73
CA GLU E 121 13.39 15.70 -20.45
C GLU E 121 13.28 15.29 -18.98
N GLU E 122 13.42 16.24 -18.05
CA GLU E 122 13.39 15.94 -16.62
C GLU E 122 12.01 15.45 -16.12
N GLN E 123 12.04 14.64 -15.06
CA GLN E 123 10.84 14.10 -14.45
C GLN E 123 10.82 14.43 -12.96
N CYS E 124 9.70 14.16 -12.28
CA CYS E 124 9.68 14.24 -10.83
C CYS E 124 10.33 12.99 -10.29
N LEU E 125 11.25 13.18 -9.35
CA LEU E 125 11.98 12.11 -8.72
C LEU E 125 11.64 12.05 -7.23
N ASP E 126 11.57 10.83 -6.70
CA ASP E 126 11.64 10.60 -5.27
C ASP E 126 12.68 9.49 -5.03
N VAL E 127 13.74 9.80 -4.31
CA VAL E 127 14.77 8.82 -3.97
C VAL E 127 14.97 8.65 -2.45
N VAL E 128 15.00 7.40 -2.01
CA VAL E 128 15.23 7.05 -0.62
C VAL E 128 16.55 6.31 -0.55
N THR E 129 17.42 6.76 0.33
CA THR E 129 18.74 6.17 0.48
C THR E 129 18.96 6.00 1.98
N HIS E 130 18.51 4.86 2.51
CA HIS E 130 18.75 4.53 3.92
C HIS E 130 19.93 3.57 4.00
N TRP E 131 21.01 4.06 4.60
CA TRP E 131 22.26 3.35 4.85
C TRP E 131 22.44 3.14 6.36
N ILE E 132 22.89 1.93 6.71
CA ILE E 132 23.19 1.55 8.09
C ILE E 132 24.68 1.23 8.20
N LYS E 141 27.45 9.90 3.36
CA LYS E 141 27.05 11.30 3.57
C LYS E 141 25.90 11.72 2.61
N ASP E 142 25.36 10.74 1.87
CA ASP E 142 24.18 10.97 1.04
C ASP E 142 22.96 11.34 1.90
N ASP E 143 22.11 12.25 1.40
CA ASP E 143 20.78 12.49 2.04
C ASP E 143 19.95 11.23 1.94
N ARG E 144 19.20 10.94 3.00
CA ARG E 144 18.34 9.76 3.05
C ARG E 144 17.09 9.91 2.20
N HIS E 145 16.68 11.17 1.99
CA HIS E 145 15.49 11.51 1.23
C HIS E 145 15.71 12.74 0.37
N LEU E 146 15.36 12.60 -0.90
CA LEU E 146 15.50 13.64 -1.90
C LEU E 146 14.24 13.66 -2.78
N ARG E 147 13.72 14.86 -3.03
CA ARG E 147 12.61 15.04 -3.96
C ARG E 147 12.87 16.22 -4.81
N GLY E 148 12.66 16.07 -6.11
CA GLY E 148 12.74 17.20 -7.01
C GLY E 148 12.66 16.77 -8.45
N CYS E 149 13.46 17.46 -9.27
CA CYS E 149 13.51 17.32 -10.72
C CYS E 149 14.76 16.55 -11.15
N GLY E 150 14.68 15.90 -12.29
CA GLY E 150 15.83 15.25 -12.85
C GLY E 150 15.58 14.06 -13.72
N TYR E 151 16.69 13.43 -14.10
CA TYR E 151 16.73 12.17 -14.80
C TYR E 151 17.84 11.29 -14.20
N LEU E 152 17.47 10.09 -13.79
CA LEU E 152 18.44 9.18 -13.15
C LEU E 152 18.32 7.78 -13.72
N PRO E 153 19.41 6.99 -13.61
CA PRO E 153 19.35 5.59 -14.05
C PRO E 153 18.31 4.78 -13.30
N GLY E 154 17.34 4.26 -14.06
CA GLY E 154 16.23 3.45 -13.55
C GLY E 154 14.94 4.26 -13.57
N CYS E 155 14.87 5.29 -14.41
CA CYS E 155 13.95 6.37 -14.15
C CYS E 155 12.56 6.03 -14.55
N PRO E 156 12.28 5.93 -15.87
CA PRO E 156 10.82 5.82 -16.13
C PRO E 156 10.33 4.72 -15.22
N GLY E 157 9.68 5.10 -14.12
CA GLY E 157 9.17 4.11 -13.17
C GLY E 157 9.79 4.12 -11.78
N SER E 158 9.84 2.95 -11.16
CA SER E 158 10.24 2.86 -9.80
C SER E 158 11.00 1.58 -9.56
N ASN E 159 11.88 1.61 -8.56
CA ASN E 159 12.63 0.45 -8.19
C ASN E 159 13.04 0.45 -6.71
N GLY E 160 13.21 -0.74 -6.16
CA GLY E 160 13.42 -0.89 -4.73
C GLY E 160 14.26 -2.09 -4.37
N PHE E 161 14.96 -1.96 -3.25
CA PHE E 161 15.83 -3.01 -2.73
C PHE E 161 15.95 -2.83 -1.23
N HIS E 162 15.89 -3.92 -0.49
CA HIS E 162 16.25 -3.82 0.91
C HIS E 162 16.91 -5.11 1.41
N ASN E 163 17.85 -4.99 2.36
CA ASN E 163 18.47 -6.16 2.97
C ASN E 163 18.86 -5.84 4.43
N ASN E 164 19.82 -6.59 5.00
CA ASN E 164 20.22 -6.38 6.41
C ASN E 164 20.63 -4.95 6.80
N ASP E 165 21.20 -4.17 5.89
CA ASP E 165 21.66 -2.83 6.28
C ASP E 165 21.29 -1.71 5.30
N THR E 166 20.34 -1.96 4.43
CA THR E 166 20.10 -1.06 3.32
C THR E 166 18.63 -1.05 2.92
N PHE E 167 18.16 0.15 2.64
CA PHE E 167 16.92 0.35 1.93
C PHE E 167 17.13 1.42 0.85
N HIS E 168 17.01 1.02 -0.41
CA HIS E 168 17.01 1.92 -1.57
C HIS E 168 15.63 1.97 -2.21
N PHE E 169 15.17 3.18 -2.50
CA PHE E 169 13.99 3.32 -3.34
C PHE E 169 14.06 4.52 -4.25
N LEU E 170 13.67 4.32 -5.49
CA LEU E 170 13.64 5.38 -6.48
C LEU E 170 12.31 5.28 -7.22
N LYS E 171 11.61 6.41 -7.28
CA LYS E 171 10.40 6.60 -8.01
C LYS E 171 10.59 7.76 -8.99
N CYS E 172 10.13 7.57 -10.21
CA CYS E 172 10.33 8.54 -11.26
C CYS E 172 9.11 8.57 -12.20
N CYS E 173 8.50 9.75 -12.36
CA CYS E 173 7.22 9.89 -13.06
C CYS E 173 7.06 11.25 -13.76
N ASN E 174 6.21 11.30 -14.79
CA ASN E 174 6.11 12.47 -15.69
C ASN E 174 4.80 13.28 -15.64
N THR E 175 4.07 13.20 -14.53
CA THR E 175 2.85 13.97 -14.38
C THR E 175 3.00 14.94 -13.22
N THR E 176 2.30 16.08 -13.30
CA THR E 176 2.34 17.14 -12.30
C THR E 176 2.32 16.63 -10.84
N LYS E 177 3.35 17.03 -10.08
CA LYS E 177 3.46 16.75 -8.63
C LYS E 177 3.18 15.29 -8.27
N CYS E 178 3.68 14.37 -9.09
CA CYS E 178 3.43 12.93 -8.89
C CYS E 178 4.37 12.34 -7.84
N ASN E 179 5.38 13.11 -7.41
CA ASN E 179 6.25 12.72 -6.30
C ASN E 179 5.76 13.26 -4.95
N GLU E 180 4.55 13.83 -4.91
CA GLU E 180 3.89 14.28 -3.66
C GLU E 180 3.51 13.10 -2.78
N GLY E 181 3.23 13.41 -1.52
CA GLY E 181 2.77 12.44 -0.51
C GLY E 181 3.76 12.29 0.65
N PRO E 182 3.39 11.49 1.67
CA PRO E 182 4.34 11.21 2.74
C PRO E 182 5.61 10.53 2.23
N ILE E 183 6.72 10.75 2.92
CA ILE E 183 7.94 10.11 2.51
C ILE E 183 7.84 8.60 2.77
N LEU E 184 8.39 7.80 1.86
CA LEU E 184 8.50 6.39 2.09
C LEU E 184 9.60 6.03 3.09
N GLU E 185 9.27 5.20 4.04
CA GLU E 185 10.26 4.62 4.93
C GLU E 185 9.94 3.05 4.92
N LEU E 186 10.96 2.20 5.05
CA LEU E 186 10.77 0.74 4.94
C LEU E 186 9.68 0.15 5.85
N GLU E 187 9.43 0.85 6.96
CA GLU E 187 8.56 0.36 8.02
C GLU E 187 7.08 0.53 7.70
N ASN E 188 6.77 1.38 6.72
CA ASN E 188 5.39 1.56 6.23
C ASN E 188 5.03 0.71 4.99
N LEU E 189 5.87 -0.25 4.67
CA LEU E 189 5.64 -1.25 3.66
C LEU E 189 5.43 -2.60 4.35
N PRO E 190 4.34 -3.31 4.02
CA PRO E 190 4.10 -4.56 4.72
C PRO E 190 5.01 -5.74 4.29
N GLN E 191 5.37 -6.56 5.28
CA GLN E 191 5.89 -7.89 5.02
C GLN E 191 4.97 -8.68 4.12
N ASN E 192 5.50 -9.20 3.02
CA ASN E 192 4.67 -9.91 2.06
C ASN E 192 4.56 -11.44 2.28
N GLY E 193 5.45 -12.01 3.06
CA GLY E 193 5.53 -13.45 3.25
C GLY E 193 6.69 -14.09 2.54
N ARG E 194 7.21 -13.40 1.53
CA ARG E 194 8.45 -13.79 0.89
C ARG E 194 9.69 -13.61 1.78
N GLN E 195 10.55 -14.62 1.77
CA GLN E 195 11.81 -14.57 2.47
C GLN E 195 12.99 -14.78 1.53
N CYS E 196 13.95 -13.88 1.62
CA CYS E 196 15.21 -14.00 0.90
C CYS E 196 16.38 -13.89 1.90
N TYR E 197 17.50 -14.44 1.47
CA TYR E 197 18.75 -14.36 2.19
C TYR E 197 19.33 -13.00 1.97
N SER E 198 19.97 -12.49 3.02
CA SER E 198 20.66 -11.22 2.98
C SER E 198 22.16 -11.47 3.27
N CYS E 199 23.02 -10.70 2.61
CA CYS E 199 24.44 -10.64 2.95
C CYS E 199 25.09 -9.48 2.20
N LYS E 200 26.34 -9.17 2.53
CA LYS E 200 27.17 -8.27 1.71
C LYS E 200 28.64 -8.52 1.99
N GLY E 201 29.47 -8.29 0.97
CA GLY E 201 30.90 -8.57 1.04
C GLY E 201 31.35 -9.35 -0.18
N ASN E 202 31.93 -10.52 0.04
CA ASN E 202 32.36 -11.41 -1.04
C ASN E 202 32.09 -12.84 -0.64
N SER E 203 32.32 -13.77 -1.56
CA SER E 203 31.87 -15.15 -1.40
C SER E 203 32.43 -15.90 -0.17
N THR E 204 33.65 -15.56 0.24
CA THR E 204 34.23 -16.15 1.46
C THR E 204 34.18 -15.24 2.69
N HIS E 205 33.93 -13.94 2.48
CA HIS E 205 33.87 -12.99 3.59
C HIS E 205 32.64 -12.09 3.52
N GLY E 206 31.60 -12.46 4.28
CA GLY E 206 30.34 -11.73 4.30
C GLY E 206 29.16 -12.49 3.69
N CYS E 207 29.41 -13.18 2.59
CA CYS E 207 28.35 -13.86 1.86
C CYS E 207 28.52 -15.38 1.85
N SER E 208 28.92 -15.92 2.98
CA SER E 208 29.10 -17.33 3.15
C SER E 208 27.84 -17.90 3.76
N SER E 209 27.52 -19.15 3.45
CA SER E 209 26.34 -19.80 4.07
C SER E 209 26.34 -19.61 5.58
N GLU E 210 27.53 -19.39 6.16
CA GLU E 210 27.66 -19.16 7.59
C GLU E 210 27.16 -17.76 8.00
N GLU E 211 27.13 -16.84 7.03
CA GLU E 211 26.91 -15.43 7.30
C GLU E 211 25.64 -14.89 6.65
N THR E 212 24.96 -15.77 5.91
CA THR E 212 23.80 -15.40 5.13
C THR E 212 22.60 -15.77 5.95
N PHE E 213 21.64 -14.86 6.05
CA PHE E 213 20.39 -15.12 6.74
C PHE E 213 19.08 -14.53 6.07
N LEU E 214 17.99 -15.12 6.51
CA LEU E 214 16.70 -15.01 5.92
C LEU E 214 16.10 -13.70 6.47
N ILE E 215 15.69 -12.82 5.54
CA ILE E 215 14.95 -11.62 5.88
C ILE E 215 13.56 -11.60 5.25
N ASP E 216 12.63 -10.94 5.94
CA ASP E 216 11.26 -10.86 5.46
C ASP E 216 11.12 -9.74 4.48
N CYS E 217 10.88 -10.08 3.22
CA CYS E 217 10.67 -9.09 2.17
C CYS E 217 9.41 -8.23 2.39
N ARG E 218 9.43 -7.02 1.84
CA ARG E 218 8.41 -6.01 2.15
C ARG E 218 7.86 -5.33 0.93
N GLY E 219 6.56 -5.03 0.97
CA GLY E 219 5.85 -4.33 -0.11
C GLY E 219 5.99 -4.91 -1.52
N PRO E 220 6.45 -4.09 -2.48
CA PRO E 220 6.64 -4.62 -3.84
C PRO E 220 7.93 -5.45 -4.06
N MET E 221 8.79 -5.52 -3.07
CA MET E 221 10.05 -6.26 -3.18
C MET E 221 9.85 -7.70 -2.79
N ASN E 222 9.74 -8.57 -3.80
CA ASN E 222 9.52 -10.00 -3.62
C ASN E 222 10.46 -10.92 -4.48
N GLN E 223 11.48 -10.32 -5.08
CA GLN E 223 12.54 -11.03 -5.78
C GLN E 223 13.66 -11.27 -4.78
N CYS E 224 14.06 -12.51 -4.62
CA CYS E 224 15.30 -12.78 -3.94
C CYS E 224 16.43 -12.53 -4.87
N LEU E 225 17.22 -11.52 -4.56
CA LEU E 225 18.19 -10.98 -5.47
C LEU E 225 19.62 -11.26 -5.01
N VAL E 226 20.50 -11.36 -5.99
CA VAL E 226 21.95 -11.51 -5.85
C VAL E 226 22.61 -10.64 -6.94
N ALA E 227 23.36 -9.65 -6.52
CA ALA E 227 24.20 -8.86 -7.40
C ALA E 227 25.69 -9.20 -7.11
N THR E 228 26.43 -9.57 -8.13
CA THR E 228 27.89 -9.73 -8.01
C THR E 228 28.56 -8.67 -8.88
N GLY E 229 29.58 -8.01 -8.35
CA GLY E 229 30.41 -7.11 -9.15
C GLY E 229 31.70 -6.68 -8.47
N THR E 230 32.04 -5.40 -8.63
CA THR E 230 33.18 -4.80 -7.96
C THR E 230 32.72 -3.53 -7.27
N HIS E 231 33.46 -3.15 -6.23
CA HIS E 231 33.15 -2.03 -5.32
C HIS E 231 34.49 -1.36 -5.06
N GLU E 232 34.49 -0.27 -4.28
CA GLU E 232 35.68 0.20 -3.55
C GLU E 232 36.79 0.70 -4.50
N PRO E 233 37.88 1.29 -3.98
CA PRO E 233 38.93 1.79 -4.89
C PRO E 233 39.20 0.89 -6.12
N LYS E 234 40.03 -0.16 -5.95
CA LYS E 234 40.40 -1.06 -7.04
C LYS E 234 39.17 -1.89 -7.48
N ASN E 235 39.38 -2.91 -8.31
CA ASN E 235 38.29 -3.82 -8.68
C ASN E 235 38.13 -4.94 -7.64
N GLN E 236 38.05 -4.55 -6.35
CA GLN E 236 37.66 -5.46 -5.28
C GLN E 236 36.31 -6.09 -5.64
N SER E 237 36.20 -7.41 -5.51
CA SER E 237 34.99 -8.10 -5.87
C SER E 237 33.97 -7.90 -4.76
N TYR E 238 32.71 -7.72 -5.13
CA TYR E 238 31.68 -7.48 -4.15
C TYR E 238 30.41 -8.20 -4.54
N MET E 239 29.56 -8.43 -3.54
CA MET E 239 28.35 -9.22 -3.71
C MET E 239 27.35 -8.75 -2.66
N VAL E 240 26.08 -8.73 -3.04
CA VAL E 240 24.98 -8.31 -2.16
C VAL E 240 23.78 -9.20 -2.43
N ARG E 241 23.17 -9.73 -1.37
CA ARG E 241 21.91 -10.44 -1.50
C ARG E 241 20.79 -9.72 -0.72
N GLY E 242 19.55 -9.85 -1.19
CA GLY E 242 18.40 -9.28 -0.49
C GLY E 242 17.08 -9.36 -1.26
N CYS E 243 16.18 -8.43 -0.98
CA CYS E 243 14.80 -8.41 -1.52
C CYS E 243 14.66 -7.24 -2.49
N ALA E 244 14.08 -7.45 -3.64
CA ALA E 244 14.09 -6.41 -4.65
C ALA E 244 12.79 -6.33 -5.49
N THR E 245 12.56 -5.21 -6.13
CA THR E 245 11.49 -5.15 -7.15
C THR E 245 11.87 -5.95 -8.43
N ALA E 246 10.89 -6.37 -9.20
CA ALA E 246 11.12 -6.87 -10.59
C ALA E 246 12.07 -5.97 -11.38
N SER E 247 11.87 -4.66 -11.27
CA SER E 247 12.59 -3.68 -12.04
C SER E 247 14.09 -3.62 -11.77
N MET E 248 14.53 -4.15 -10.63
CA MET E 248 15.98 -4.18 -10.30
C MET E 248 16.67 -5.30 -11.02
N CYS E 249 15.92 -6.36 -11.33
CA CYS E 249 16.42 -7.55 -12.02
C CYS E 249 16.57 -7.44 -13.56
N GLN E 250 16.62 -6.20 -14.08
CA GLN E 250 16.91 -5.97 -15.49
C GLN E 250 18.24 -5.21 -15.63
N LEU E 254 20.96 -0.55 -15.48
CA LEU E 254 22.25 -0.27 -14.87
C LEU E 254 22.29 -0.74 -13.39
N GLY E 255 22.63 0.17 -12.46
CA GLY E 255 22.83 -0.19 -11.03
C GLY E 255 23.90 0.60 -10.25
N ASP E 256 23.56 1.82 -9.87
CA ASP E 256 24.37 2.68 -8.97
C ASP E 256 23.85 2.63 -7.52
N ALA E 257 22.78 1.89 -7.29
CA ALA E 257 22.10 1.81 -5.99
C ALA E 257 22.83 0.99 -4.93
N PHE E 258 23.82 0.20 -5.36
CA PHE E 258 24.67 -0.59 -4.47
C PHE E 258 26.15 -0.15 -4.49
N SER E 259 26.44 1.03 -5.01
CA SER E 259 27.84 1.50 -5.14
C SER E 259 28.75 0.43 -5.74
N MET E 260 28.38 -0.08 -6.91
CA MET E 260 29.07 -1.17 -7.59
C MET E 260 29.23 -0.82 -9.06
N ASN E 261 29.87 -1.69 -9.84
CA ASN E 261 30.25 -1.38 -11.24
C ASN E 261 29.86 -2.47 -12.25
N HIS E 262 30.70 -3.49 -12.49
CA HIS E 262 30.29 -4.62 -13.35
C HIS E 262 29.27 -5.46 -12.59
N ILE E 263 28.04 -4.98 -12.56
CA ILE E 263 26.95 -5.57 -11.81
C ILE E 263 26.31 -6.75 -12.54
N ASP E 264 26.21 -7.89 -11.86
CA ASP E 264 25.46 -9.07 -12.39
C ASP E 264 24.41 -9.59 -11.41
N VAL E 265 23.18 -9.54 -11.89
CA VAL E 265 21.98 -9.75 -11.10
C VAL E 265 21.29 -11.01 -11.52
N SER E 266 21.08 -11.93 -10.58
CA SER E 266 20.10 -13.00 -10.74
C SER E 266 18.94 -12.77 -9.77
N CYS E 267 17.77 -13.26 -10.16
CA CYS E 267 16.56 -13.08 -9.40
C CYS E 267 15.71 -14.32 -9.47
N CYS E 268 15.21 -14.75 -8.34
CA CYS E 268 14.23 -15.79 -8.32
C CYS E 268 13.12 -15.37 -7.32
N THR E 269 11.98 -16.03 -7.41
CA THR E 269 10.74 -15.60 -6.74
C THR E 269 10.16 -16.73 -5.91
N LYS E 270 11.04 -17.41 -5.17
CA LYS E 270 10.70 -18.47 -4.18
C LYS E 270 11.49 -18.24 -2.87
N SER E 271 10.84 -18.39 -1.73
CA SER E 271 11.53 -18.12 -0.49
C SER E 271 12.83 -18.98 -0.41
N GLY E 272 13.96 -18.31 -0.20
CA GLY E 272 15.23 -18.98 0.09
C GLY E 272 16.15 -19.21 -1.10
N CYS E 273 15.72 -18.77 -2.30
CA CYS E 273 16.21 -19.28 -3.60
C CYS E 273 17.52 -18.61 -3.93
N ASN E 274 17.59 -17.34 -3.59
CA ASN E 274 18.73 -16.55 -3.07
C ASN E 274 19.95 -17.16 -2.33
N HIS E 275 19.84 -18.34 -1.73
CA HIS E 275 20.95 -18.91 -0.94
C HIS E 275 22.07 -19.26 -1.88
N PRO E 276 23.34 -18.99 -1.46
CA PRO E 276 24.50 -19.51 -2.23
C PRO E 276 24.31 -20.92 -2.78
N ASP E 277 23.08 -21.28 -3.15
CA ASP E 277 22.76 -22.53 -3.82
C ASP E 277 23.34 -23.62 -3.01
#